data_2LIA
# 
_entry.id   2LIA 
# 
_audit_conform.dict_name       mmcif_pdbx.dic 
_audit_conform.dict_version    5.392 
_audit_conform.dict_location   http://mmcif.pdb.org/dictionaries/ascii/mmcif_pdbx.dic 
# 
loop_
_database_2.database_id 
_database_2.database_code 
_database_2.pdbx_database_accession 
_database_2.pdbx_DOI 
PDB   2LIA         pdb_00002lia 10.2210/pdb2lia/pdb 
RCSB  RCSB102418   ?            ?                   
BMRB  17885        ?            10.13018/BMR17885   
WWPDB D_1000102418 ?            ?                   
# 
loop_
_pdbx_audit_revision_history.ordinal 
_pdbx_audit_revision_history.data_content_type 
_pdbx_audit_revision_history.major_revision 
_pdbx_audit_revision_history.minor_revision 
_pdbx_audit_revision_history.revision_date 
1 'Structure model' 1 0 2012-08-29 
2 'Structure model' 1 1 2013-11-20 
3 'Structure model' 1 2 2023-06-14 
4 'Structure model' 1 3 2024-05-15 
# 
_pdbx_audit_revision_details.ordinal             1 
_pdbx_audit_revision_details.revision_ordinal    1 
_pdbx_audit_revision_details.data_content_type   'Structure model' 
_pdbx_audit_revision_details.provider            repository 
_pdbx_audit_revision_details.type                'Initial release' 
_pdbx_audit_revision_details.description         ? 
_pdbx_audit_revision_details.details             ? 
# 
loop_
_pdbx_audit_revision_group.ordinal 
_pdbx_audit_revision_group.revision_ordinal 
_pdbx_audit_revision_group.data_content_type 
_pdbx_audit_revision_group.group 
1 2 'Structure model' 'Database references'  
2 3 'Structure model' 'Data collection'      
3 3 'Structure model' 'Database references'  
4 3 'Structure model' 'Derived calculations' 
5 3 'Structure model' Other                  
6 4 'Structure model' 'Data collection'      
7 4 'Structure model' 'Database references'  
# 
loop_
_pdbx_audit_revision_category.ordinal 
_pdbx_audit_revision_category.revision_ordinal 
_pdbx_audit_revision_category.data_content_type 
_pdbx_audit_revision_category.category 
1 3 'Structure model' database_2            
2 3 'Structure model' pdbx_database_status  
3 3 'Structure model' pdbx_nmr_software     
4 3 'Structure model' pdbx_nmr_spectrometer 
5 3 'Structure model' struct_conn           
6 4 'Structure model' chem_comp_atom        
7 4 'Structure model' chem_comp_bond        
8 4 'Structure model' database_2            
# 
loop_
_pdbx_audit_revision_item.ordinal 
_pdbx_audit_revision_item.revision_ordinal 
_pdbx_audit_revision_item.data_content_type 
_pdbx_audit_revision_item.item 
1 3 'Structure model' '_database_2.pdbx_DOI'                       
2 3 'Structure model' '_database_2.pdbx_database_accession'        
3 3 'Structure model' '_pdbx_database_status.status_code_nmr_data' 
4 3 'Structure model' '_pdbx_nmr_software.name'                    
5 3 'Structure model' '_pdbx_nmr_spectrometer.model'               
6 3 'Structure model' '_struct_conn.pdbx_leaving_atom_flag'        
7 4 'Structure model' '_database_2.pdbx_DOI'                       
# 
_pdbx_database_status.deposit_site                    BMRB 
_pdbx_database_status.entry_id                        2LIA 
_pdbx_database_status.process_site                    RCSB 
_pdbx_database_status.recvd_initial_deposition_date   2011-08-26 
_pdbx_database_status.SG_entry                        ? 
_pdbx_database_status.status_code                     REL 
_pdbx_database_status.status_code_mr                  REL 
_pdbx_database_status.status_code_sf                  ? 
_pdbx_database_status.status_code_cs                  REL 
_pdbx_database_status.methods_development_category    ? 
_pdbx_database_status.pdb_format_compatible           Y 
_pdbx_database_status.status_code_nmr_data            REL 
# 
_pdbx_database_related.db_id          17885 
_pdbx_database_related.db_name        BMRB 
_pdbx_database_related.content_type   unspecified 
_pdbx_database_related.details        . 
# 
loop_
_audit_author.name 
_audit_author.pdbx_ordinal 
'Szulik, M.W.' 1 
'Ganguly, M.'  2 
'Wang, R.'     3 
'Gold, B.'     4 
'Stone, M.P.'  5 
# 
_citation.id                        primary 
_citation.title                     
;Site-Specific Stabilization of DNA by a Tethered Major Groove Amine, 7-Aminomethyl-7-deaza-2'-deoxyguanosine.
;
_citation.journal_abbrev            Biochemistry 
_citation.journal_volume            52 
_citation.page_first                7659 
_citation.page_last                 7668 
_citation.year                      2013 
_citation.journal_id_ASTM           BICHAW 
_citation.country                   US 
_citation.journal_id_ISSN           0006-2960 
_citation.journal_id_CSD            0033 
_citation.book_publisher            ? 
_citation.pdbx_database_id_PubMed   24131376 
_citation.pdbx_database_id_DOI      10.1021/bi400695r 
# 
loop_
_citation_author.citation_id 
_citation_author.name 
_citation_author.ordinal 
_citation_author.identifier_ORCID 
primary 'Szulik, M.W.'  1 ? 
primary 'Voehler, M.W.' 2 ? 
primary 'Ganguly, M.'   3 ? 
primary 'Gold, B.'      4 ? 
primary 'Stone, M.P.'   5 ? 
# 
_entity.id                         1 
_entity.type                       polymer 
_entity.src_method                 syn 
_entity.pdbx_description           
;DNA (5'-D(*GP*AP*GP*AP*(2LA)P*CP*GP*CP*TP*CP*TP*C)-3')
;
_entity.formula_weight             3691.445 
_entity.pdbx_number_of_molecules   2 
_entity.pdbx_ec                    ? 
_entity.pdbx_mutation              ? 
_entity.pdbx_fragment              ? 
_entity.details                    ? 
# 
_entity_poly.entity_id                      1 
_entity_poly.type                           polydeoxyribonucleotide 
_entity_poly.nstd_linkage                   no 
_entity_poly.nstd_monomer                   yes 
_entity_poly.pdbx_seq_one_letter_code       '(DG)(DA)(DG)(DA)(2LA)(DC)(DG)(DC)(DT)(DC)(DT)(DC)' 
_entity_poly.pdbx_seq_one_letter_code_can   GAGAXCGCTCTC 
_entity_poly.pdbx_strand_id                 A,B 
_entity_poly.pdbx_target_identifier         ? 
# 
loop_
_entity_poly_seq.entity_id 
_entity_poly_seq.num 
_entity_poly_seq.mon_id 
_entity_poly_seq.hetero 
1 1  DG  n 
1 2  DA  n 
1 3  DG  n 
1 4  DA  n 
1 5  2LA n 
1 6  DC  n 
1 7  DG  n 
1 8  DC  n 
1 9  DT  n 
1 10 DC  n 
1 11 DT  n 
1 12 DC  n 
# 
loop_
_chem_comp.id 
_chem_comp.type 
_chem_comp.mon_nstd_flag 
_chem_comp.name 
_chem_comp.pdbx_synonyms 
_chem_comp.formula 
_chem_comp.formula_weight 
2LA 'DNA linking' . 
'2-amino-5-(aminomethyl)-7-(2-deoxy-5-O-phosphono-beta-D-erythro-pentofuranosyl)-3,7-dihydro-4H-pyrrolo[2,3-d]pyrimidin-4-one' ? 
'C12 H18 N5 O7 P' 375.274 
DA  'DNA linking' y "2'-DEOXYADENOSINE-5'-MONOPHOSPHATE" ? 'C10 H14 N5 O6 P' 331.222 
DC  'DNA linking' y "2'-DEOXYCYTIDINE-5'-MONOPHOSPHATE" ? 'C9 H14 N3 O7 P'  307.197 
DG  'DNA linking' y "2'-DEOXYGUANOSINE-5'-MONOPHOSPHATE" ? 'C10 H14 N5 O7 P' 347.221 
DT  'DNA linking' y "THYMIDINE-5'-MONOPHOSPHATE" ? 'C10 H15 N2 O8 P' 322.208 
# 
loop_
_pdbx_poly_seq_scheme.asym_id 
_pdbx_poly_seq_scheme.entity_id 
_pdbx_poly_seq_scheme.seq_id 
_pdbx_poly_seq_scheme.mon_id 
_pdbx_poly_seq_scheme.ndb_seq_num 
_pdbx_poly_seq_scheme.pdb_seq_num 
_pdbx_poly_seq_scheme.auth_seq_num 
_pdbx_poly_seq_scheme.pdb_mon_id 
_pdbx_poly_seq_scheme.auth_mon_id 
_pdbx_poly_seq_scheme.pdb_strand_id 
_pdbx_poly_seq_scheme.pdb_ins_code 
_pdbx_poly_seq_scheme.hetero 
A 1 1  DG  1  1  1  DG  DG5 A . n 
A 1 2  DA  2  2  2  DA  DA  A . n 
A 1 3  DG  3  3  3  DG  DG  A . n 
A 1 4  DA  4  4  4  DA  DA  A . n 
A 1 5  2LA 5  5  5  2LA AMG A . n 
A 1 6  DC  6  6  6  DC  DC  A . n 
A 1 7  DG  7  7  7  DG  DG  A . n 
A 1 8  DC  8  8  8  DC  DC  A . n 
A 1 9  DT  9  9  9  DT  DT  A . n 
A 1 10 DC  10 10 10 DC  DC  A . n 
A 1 11 DT  11 11 11 DT  DT  A . n 
A 1 12 DC  12 12 12 DC  DC  A . n 
B 1 1  DG  1  13 13 DG  DG5 B . n 
B 1 2  DA  2  14 14 DA  DA  B . n 
B 1 3  DG  3  15 15 DG  DG  B . n 
B 1 4  DA  4  16 16 DA  DA  B . n 
B 1 5  2LA 5  17 17 2LA AMG B . n 
B 1 6  DC  6  18 18 DC  DC  B . n 
B 1 7  DG  7  19 19 DG  DG  B . n 
B 1 8  DC  8  20 20 DC  DC  B . n 
B 1 9  DT  9  21 21 DT  DT  B . n 
B 1 10 DC  10 22 22 DC  DC  B . n 
B 1 11 DT  11 23 23 DT  DT  B . n 
B 1 12 DC  12 24 24 DC  DC3 B . n 
# 
_exptl.absorpt_coefficient_mu     ? 
_exptl.absorpt_correction_T_max   ? 
_exptl.absorpt_correction_T_min   ? 
_exptl.absorpt_correction_type    ? 
_exptl.absorpt_process_details    ? 
_exptl.crystals_number            ? 
_exptl.details                    ? 
_exptl.entry_id                   2LIA 
_exptl.method                     'SOLUTION NMR' 
_exptl.method_details             ? 
# 
_struct.entry_id                  2LIA 
_struct.title                     
;Solution NMR structure of a DNA dodecamer containing the 7-aminomethyl-7-deaza-2'-deoxyguanosine adduct
;
_struct.pdbx_model_details        'closest to the average, model 1' 
_struct.pdbx_CASP_flag            ? 
_struct.pdbx_model_type_details   ? 
# 
_struct_keywords.entry_id        2LIA 
_struct_keywords.pdbx_keywords   DNA 
_struct_keywords.text            DNA 
# 
loop_
_struct_asym.id 
_struct_asym.pdbx_blank_PDB_chainid_flag 
_struct_asym.pdbx_modified 
_struct_asym.entity_id 
_struct_asym.details 
A N N 1 ? 
B N N 1 ? 
# 
_struct_ref.id                         1 
_struct_ref.db_name                    PDB 
_struct_ref.db_code                    2LIA 
_struct_ref.pdbx_db_accession          2LIA 
_struct_ref.entity_id                  1 
_struct_ref.pdbx_align_begin           ? 
_struct_ref.pdbx_seq_one_letter_code   ? 
_struct_ref.pdbx_db_isoform            ? 
# 
loop_
_struct_ref_seq.align_id 
_struct_ref_seq.ref_id 
_struct_ref_seq.pdbx_PDB_id_code 
_struct_ref_seq.pdbx_strand_id 
_struct_ref_seq.seq_align_beg 
_struct_ref_seq.pdbx_seq_align_beg_ins_code 
_struct_ref_seq.seq_align_end 
_struct_ref_seq.pdbx_seq_align_end_ins_code 
_struct_ref_seq.pdbx_db_accession 
_struct_ref_seq.db_align_beg 
_struct_ref_seq.pdbx_db_align_beg_ins_code 
_struct_ref_seq.db_align_end 
_struct_ref_seq.pdbx_db_align_end_ins_code 
_struct_ref_seq.pdbx_auth_seq_align_beg 
_struct_ref_seq.pdbx_auth_seq_align_end 
1 1 2LIA A 1 ? 12 ? 2LIA 1  ? 12 ? 1  12 
2 1 2LIA B 1 ? 12 ? 2LIA 13 ? 24 ? 13 24 
# 
_pdbx_struct_assembly.id                   1 
_pdbx_struct_assembly.details              author_defined_assembly 
_pdbx_struct_assembly.method_details       ? 
_pdbx_struct_assembly.oligomeric_details   dimeric 
_pdbx_struct_assembly.oligomeric_count     2 
# 
_pdbx_struct_assembly_gen.assembly_id       1 
_pdbx_struct_assembly_gen.oper_expression   1 
_pdbx_struct_assembly_gen.asym_id_list      A,B 
# 
_pdbx_struct_oper_list.id                   1 
_pdbx_struct_oper_list.type                 'identity operation' 
_pdbx_struct_oper_list.name                 1_555 
_pdbx_struct_oper_list.symmetry_operation   x,y,z 
_pdbx_struct_oper_list.matrix[1][1]         1.0000000000 
_pdbx_struct_oper_list.matrix[1][2]         0.0000000000 
_pdbx_struct_oper_list.matrix[1][3]         0.0000000000 
_pdbx_struct_oper_list.vector[1]            0.0000000000 
_pdbx_struct_oper_list.matrix[2][1]         0.0000000000 
_pdbx_struct_oper_list.matrix[2][2]         1.0000000000 
_pdbx_struct_oper_list.matrix[2][3]         0.0000000000 
_pdbx_struct_oper_list.vector[2]            0.0000000000 
_pdbx_struct_oper_list.matrix[3][1]         0.0000000000 
_pdbx_struct_oper_list.matrix[3][2]         0.0000000000 
_pdbx_struct_oper_list.matrix[3][3]         1.0000000000 
_pdbx_struct_oper_list.vector[3]            0.0000000000 
# 
_struct_biol.id        1 
_struct_biol.details   ? 
# 
loop_
_struct_conn.id 
_struct_conn.conn_type_id 
_struct_conn.pdbx_leaving_atom_flag 
_struct_conn.pdbx_PDB_id 
_struct_conn.ptnr1_label_asym_id 
_struct_conn.ptnr1_label_comp_id 
_struct_conn.ptnr1_label_seq_id 
_struct_conn.ptnr1_label_atom_id 
_struct_conn.pdbx_ptnr1_label_alt_id 
_struct_conn.pdbx_ptnr1_PDB_ins_code 
_struct_conn.pdbx_ptnr1_standard_comp_id 
_struct_conn.ptnr1_symmetry 
_struct_conn.ptnr2_label_asym_id 
_struct_conn.ptnr2_label_comp_id 
_struct_conn.ptnr2_label_seq_id 
_struct_conn.ptnr2_label_atom_id 
_struct_conn.pdbx_ptnr2_label_alt_id 
_struct_conn.pdbx_ptnr2_PDB_ins_code 
_struct_conn.ptnr1_auth_asym_id 
_struct_conn.ptnr1_auth_comp_id 
_struct_conn.ptnr1_auth_seq_id 
_struct_conn.ptnr2_auth_asym_id 
_struct_conn.ptnr2_auth_comp_id 
_struct_conn.ptnr2_auth_seq_id 
_struct_conn.ptnr2_symmetry 
_struct_conn.pdbx_ptnr3_label_atom_id 
_struct_conn.pdbx_ptnr3_label_seq_id 
_struct_conn.pdbx_ptnr3_label_comp_id 
_struct_conn.pdbx_ptnr3_label_asym_id 
_struct_conn.pdbx_ptnr3_label_alt_id 
_struct_conn.pdbx_ptnr3_PDB_ins_code 
_struct_conn.details 
_struct_conn.pdbx_dist_value 
_struct_conn.pdbx_value_order 
_struct_conn.pdbx_role 
covale1  covale both ? A DA  4  "O3'" ? ? ? 1_555 A 2LA 5  P  ? ? A DA  4  A 2LA 5  1_555 ? ? ? ? ? ? ?            1.613 ? ? 
covale2  covale both ? A 2LA 5  "O3'" ? ? ? 1_555 A DC  6  P  ? ? A 2LA 5  A DC  6  1_555 ? ? ? ? ? ? ?            1.620 ? ? 
covale3  covale both ? B DA  4  "O3'" ? ? ? 1_555 B 2LA 5  P  ? ? B DA  16 B 2LA 17 1_555 ? ? ? ? ? ? ?            1.623 ? ? 
covale4  covale both ? B 2LA 5  "O3'" ? ? ? 1_555 B DC  6  P  ? ? B 2LA 17 B DC  18 1_555 ? ? ? ? ? ? ?            1.612 ? ? 
hydrog1  hydrog ?    ? A DG  1  N1    ? ? ? 1_555 B DC  12 N3 ? ? A DG  1  B DC  24 1_555 ? ? ? ? ? ? WATSON-CRICK ?     ? ? 
hydrog2  hydrog ?    ? A DG  1  N2    ? ? ? 1_555 B DC  12 O2 ? ? A DG  1  B DC  24 1_555 ? ? ? ? ? ? WATSON-CRICK ?     ? ? 
hydrog3  hydrog ?    ? A DG  1  O6    ? ? ? 1_555 B DC  12 N4 ? ? A DG  1  B DC  24 1_555 ? ? ? ? ? ? WATSON-CRICK ?     ? ? 
hydrog4  hydrog ?    ? A DA  2  N1    ? ? ? 1_555 B DT  11 N3 ? ? A DA  2  B DT  23 1_555 ? ? ? ? ? ? WATSON-CRICK ?     ? ? 
hydrog5  hydrog ?    ? A DA  2  N6    ? ? ? 1_555 B DT  11 O4 ? ? A DA  2  B DT  23 1_555 ? ? ? ? ? ? WATSON-CRICK ?     ? ? 
hydrog6  hydrog ?    ? A DG  3  N1    ? ? ? 1_555 B DC  10 N3 ? ? A DG  3  B DC  22 1_555 ? ? ? ? ? ? WATSON-CRICK ?     ? ? 
hydrog7  hydrog ?    ? A DG  3  N2    ? ? ? 1_555 B DC  10 O2 ? ? A DG  3  B DC  22 1_555 ? ? ? ? ? ? WATSON-CRICK ?     ? ? 
hydrog8  hydrog ?    ? A DG  3  O6    ? ? ? 1_555 B DC  10 N4 ? ? A DG  3  B DC  22 1_555 ? ? ? ? ? ? WATSON-CRICK ?     ? ? 
hydrog9  hydrog ?    ? A DA  4  N1    ? ? ? 1_555 B DT  9  N3 ? ? A DA  4  B DT  21 1_555 ? ? ? ? ? ? WATSON-CRICK ?     ? ? 
hydrog10 hydrog ?    ? A DA  4  N6    ? ? ? 1_555 B DT  9  O4 ? ? A DA  4  B DT  21 1_555 ? ? ? ? ? ? WATSON-CRICK ?     ? ? 
hydrog11 hydrog ?    ? A DC  6  N3    ? ? ? 1_555 B DG  7  N1 ? ? A DC  6  B DG  19 1_555 ? ? ? ? ? ? WATSON-CRICK ?     ? ? 
hydrog12 hydrog ?    ? A DC  6  N4    ? ? ? 1_555 B DG  7  O6 ? ? A DC  6  B DG  19 1_555 ? ? ? ? ? ? WATSON-CRICK ?     ? ? 
hydrog13 hydrog ?    ? A DC  6  O2    ? ? ? 1_555 B DG  7  N2 ? ? A DC  6  B DG  19 1_555 ? ? ? ? ? ? WATSON-CRICK ?     ? ? 
hydrog14 hydrog ?    ? A DG  7  N1    ? ? ? 1_555 B DC  6  N3 ? ? A DG  7  B DC  18 1_555 ? ? ? ? ? ? WATSON-CRICK ?     ? ? 
hydrog15 hydrog ?    ? A DG  7  N2    ? ? ? 1_555 B DC  6  O2 ? ? A DG  7  B DC  18 1_555 ? ? ? ? ? ? WATSON-CRICK ?     ? ? 
hydrog16 hydrog ?    ? A DG  7  O6    ? ? ? 1_555 B DC  6  N4 ? ? A DG  7  B DC  18 1_555 ? ? ? ? ? ? WATSON-CRICK ?     ? ? 
hydrog17 hydrog ?    ? A DT  9  N3    ? ? ? 1_555 B DA  4  N1 ? ? A DT  9  B DA  16 1_555 ? ? ? ? ? ? WATSON-CRICK ?     ? ? 
hydrog18 hydrog ?    ? A DT  9  O4    ? ? ? 1_555 B DA  4  N6 ? ? A DT  9  B DA  16 1_555 ? ? ? ? ? ? WATSON-CRICK ?     ? ? 
hydrog19 hydrog ?    ? A DC  10 N3    ? ? ? 1_555 B DG  3  N1 ? ? A DC  10 B DG  15 1_555 ? ? ? ? ? ? WATSON-CRICK ?     ? ? 
hydrog20 hydrog ?    ? A DC  10 N4    ? ? ? 1_555 B DG  3  O6 ? ? A DC  10 B DG  15 1_555 ? ? ? ? ? ? WATSON-CRICK ?     ? ? 
hydrog21 hydrog ?    ? A DC  10 O2    ? ? ? 1_555 B DG  3  N2 ? ? A DC  10 B DG  15 1_555 ? ? ? ? ? ? WATSON-CRICK ?     ? ? 
hydrog22 hydrog ?    ? A DT  11 N3    ? ? ? 1_555 B DA  2  N1 ? ? A DT  11 B DA  14 1_555 ? ? ? ? ? ? WATSON-CRICK ?     ? ? 
hydrog23 hydrog ?    ? A DT  11 O4    ? ? ? 1_555 B DA  2  N6 ? ? A DT  11 B DA  14 1_555 ? ? ? ? ? ? WATSON-CRICK ?     ? ? 
hydrog24 hydrog ?    ? A DC  12 N3    ? ? ? 1_555 B DG  1  N1 ? ? A DC  12 B DG  13 1_555 ? ? ? ? ? ? WATSON-CRICK ?     ? ? 
hydrog25 hydrog ?    ? A DC  12 N4    ? ? ? 1_555 B DG  1  O6 ? ? A DC  12 B DG  13 1_555 ? ? ? ? ? ? WATSON-CRICK ?     ? ? 
hydrog26 hydrog ?    ? A DC  12 O2    ? ? ? 1_555 B DG  1  N2 ? ? A DC  12 B DG  13 1_555 ? ? ? ? ? ? WATSON-CRICK ?     ? ? 
# 
loop_
_struct_conn_type.id 
_struct_conn_type.criteria 
_struct_conn_type.reference 
covale ? ? 
hydrog ? ? 
# 
loop_
_pdbx_validate_rmsd_angle.id 
_pdbx_validate_rmsd_angle.PDB_model_num 
_pdbx_validate_rmsd_angle.auth_atom_id_1 
_pdbx_validate_rmsd_angle.auth_asym_id_1 
_pdbx_validate_rmsd_angle.auth_comp_id_1 
_pdbx_validate_rmsd_angle.auth_seq_id_1 
_pdbx_validate_rmsd_angle.PDB_ins_code_1 
_pdbx_validate_rmsd_angle.label_alt_id_1 
_pdbx_validate_rmsd_angle.auth_atom_id_2 
_pdbx_validate_rmsd_angle.auth_asym_id_2 
_pdbx_validate_rmsd_angle.auth_comp_id_2 
_pdbx_validate_rmsd_angle.auth_seq_id_2 
_pdbx_validate_rmsd_angle.PDB_ins_code_2 
_pdbx_validate_rmsd_angle.label_alt_id_2 
_pdbx_validate_rmsd_angle.auth_atom_id_3 
_pdbx_validate_rmsd_angle.auth_asym_id_3 
_pdbx_validate_rmsd_angle.auth_comp_id_3 
_pdbx_validate_rmsd_angle.auth_seq_id_3 
_pdbx_validate_rmsd_angle.PDB_ins_code_3 
_pdbx_validate_rmsd_angle.label_alt_id_3 
_pdbx_validate_rmsd_angle.angle_value 
_pdbx_validate_rmsd_angle.angle_target_value 
_pdbx_validate_rmsd_angle.angle_deviation 
_pdbx_validate_rmsd_angle.angle_standard_deviation 
_pdbx_validate_rmsd_angle.linker_flag 
1  1 "O4'" A DG 1  ? ? "C1'" A DG 1  ? ? N9    A DG 1  ? ? 111.30 108.30 3.00  0.30 N 
2  1 "O4'" A DA 2  ? ? "C1'" A DA 2  ? ? N9    A DA 2  ? ? 112.33 108.30 4.03  0.30 N 
3  1 C4    A DA 2  ? ? C5    A DA 2  ? ? C6    A DA 2  ? ? 113.45 117.00 -3.55 0.50 N 
4  1 C5    A DA 2  ? ? C6    A DA 2  ? ? N1    A DA 2  ? ? 122.26 117.70 4.56  0.50 N 
5  1 N1    A DA 2  ? ? C6    A DA 2  ? ? N6    A DA 2  ? ? 113.18 118.60 -5.42 0.60 N 
6  1 "O4'" A DC 6  ? ? "C1'" A DC 6  ? ? N1    A DC 6  ? ? 110.37 108.30 2.07  0.30 N 
7  1 N1    A DC 6  ? ? C2    A DC 6  ? ? O2    A DC 6  ? ? 123.84 118.90 4.94  0.60 N 
8  1 N3    A DC 6  ? ? C2    A DC 6  ? ? O2    A DC 6  ? ? 115.87 121.90 -6.03 0.70 N 
9  1 "O4'" A DG 7  ? ? "C1'" A DG 7  ? ? N9    A DG 7  ? ? 110.21 108.30 1.91  0.30 N 
10 1 N3    A DC 8  ? ? C4    A DC 8  ? ? C5    A DC 8  ? ? 124.42 121.90 2.52  0.40 N 
11 1 N3    A DC 8  ? ? C2    A DC 8  ? ? O2    A DC 8  ? ? 116.97 121.90 -4.93 0.70 N 
12 1 N3    A DC 8  ? ? C4    A DC 8  ? ? N4    A DC 8  ? ? 112.90 118.00 -5.10 0.70 N 
13 1 "O4'" A DT 9  ? ? "C1'" A DT 9  ? ? N1    A DT 9  ? ? 110.25 108.30 1.95  0.30 N 
14 1 C6    A DT 9  ? ? C5    A DT 9  ? ? C7    A DT 9  ? ? 118.03 122.90 -4.87 0.60 N 
15 1 "O4'" A DC 10 ? ? "C4'" A DC 10 ? ? "C3'" A DC 10 ? ? 109.75 106.00 3.75  0.60 N 
16 1 N3    A DC 10 ? ? C2    A DC 10 ? ? O2    A DC 10 ? ? 117.53 121.90 -4.37 0.70 N 
17 1 "O4'" A DT 11 ? ? "C1'" A DT 11 ? ? N1    A DT 11 ? ? 110.76 108.30 2.46  0.30 N 
18 1 "O4'" A DC 12 ? ? "C1'" A DC 12 ? ? N1    A DC 12 ? ? 112.15 108.30 3.85  0.30 N 
19 1 N1    A DC 12 ? ? C2    A DC 12 ? ? O2    A DC 12 ? ? 122.81 118.90 3.91  0.60 N 
20 1 N3    A DC 12 ? ? C2    A DC 12 ? ? O2    A DC 12 ? ? 116.35 121.90 -5.55 0.70 N 
21 1 "O4'" B DA 14 ? ? "C1'" B DA 14 ? ? N9    B DA 14 ? ? 110.75 108.30 2.45  0.30 N 
22 1 N1    B DA 14 ? ? C6    B DA 14 ? ? N6    B DA 14 ? ? 114.08 118.60 -4.52 0.60 N 
23 1 "O4'" B DG 15 ? ? "C1'" B DG 15 ? ? N9    B DG 15 ? ? 112.11 108.30 3.81  0.30 N 
24 1 N1    B DG 15 ? ? C6    B DG 15 ? ? O6    B DG 15 ? ? 116.01 119.90 -3.89 0.60 N 
25 1 C4    B DA 16 ? ? C5    B DA 16 ? ? C6    B DA 16 ? ? 113.97 117.00 -3.03 0.50 N 
26 1 C5    B DA 16 ? ? C6    B DA 16 ? ? N1    B DA 16 ? ? 121.28 117.70 3.58  0.50 N 
27 1 N1    B DC 18 ? ? C2    B DC 18 ? ? O2    B DC 18 ? ? 123.25 118.90 4.35  0.60 N 
28 1 N3    B DC 18 ? ? C2    B DC 18 ? ? O2    B DC 18 ? ? 116.67 121.90 -5.23 0.70 N 
29 1 N3    B DC 20 ? ? C2    B DC 20 ? ? O2    B DC 20 ? ? 116.97 121.90 -4.93 0.70 N 
30 1 C6    B DT 21 ? ? C5    B DT 21 ? ? C7    B DT 21 ? ? 116.92 122.90 -5.98 0.60 N 
31 1 N3    B DC 22 ? ? C2    B DC 22 ? ? O2    B DC 22 ? ? 117.26 121.90 -4.64 0.70 N 
32 1 "O4'" B DT 23 ? ? "C1'" B DT 23 ? ? N1    B DT 23 ? ? 112.70 108.30 4.40  0.30 N 
33 1 "O4'" B DC 24 ? ? "C1'" B DC 24 ? ? N1    B DC 24 ? ? 112.09 108.30 3.79  0.30 N 
34 1 N3    B DC 24 ? ? C2    B DC 24 ? ? O2    B DC 24 ? ? 116.56 121.90 -5.35 0.70 N 
# 
loop_
_pdbx_validate_planes.id 
_pdbx_validate_planes.PDB_model_num 
_pdbx_validate_planes.auth_comp_id 
_pdbx_validate_planes.auth_asym_id 
_pdbx_validate_planes.auth_seq_id 
_pdbx_validate_planes.PDB_ins_code 
_pdbx_validate_planes.label_alt_id 
_pdbx_validate_planes.rmsd 
_pdbx_validate_planes.type 
1 1 DA B 14 ? ? 0.076 'SIDE CHAIN' 
2 1 DG B 19 ? ? 0.057 'SIDE CHAIN' 
# 
_pdbx_nmr_ensemble.average_constraint_violations_per_residue     ? 
_pdbx_nmr_ensemble.average_constraints_per_residue               ? 
_pdbx_nmr_ensemble.average_distance_constraint_violation         ? 
_pdbx_nmr_ensemble.average_torsion_angle_constraint_violation    ? 
_pdbx_nmr_ensemble.conformer_selection_criteria                  'back calculated data agree with experimental NOESY spectrum' 
_pdbx_nmr_ensemble.conformers_calculated_total_number            42 
_pdbx_nmr_ensemble.conformers_submitted_total_number             1 
_pdbx_nmr_ensemble.distance_constraint_violation_method          ? 
_pdbx_nmr_ensemble.entry_id                                      2LIA 
_pdbx_nmr_ensemble.maximum_distance_constraint_violation         ? 
_pdbx_nmr_ensemble.maximum_lower_distance_constraint_violation   ? 
_pdbx_nmr_ensemble.maximum_torsion_angle_constraint_violation    ? 
_pdbx_nmr_ensemble.maximum_upper_distance_constraint_violation   ? 
_pdbx_nmr_ensemble.torsion_angle_constraint_violation_method     ? 
# 
_pdbx_nmr_ensemble_rms.atom_type                              ? 
_pdbx_nmr_ensemble_rms.bond_angle_rms_dev                     ? 
_pdbx_nmr_ensemble_rms.bond_angle_rms_dev_error               ? 
_pdbx_nmr_ensemble_rms.chain_range_begin                      ? 
_pdbx_nmr_ensemble_rms.chain_range_end                        ? 
_pdbx_nmr_ensemble_rms.coord_average_rmsd_method              ? 
_pdbx_nmr_ensemble_rms.covalent_bond_rms_dev                  ? 
_pdbx_nmr_ensemble_rms.covalent_bond_rms_dev_error            ? 
_pdbx_nmr_ensemble_rms.dihedral_angles_rms_dev                ? 
_pdbx_nmr_ensemble_rms.dihedral_angles_rms_dev_error          ? 
_pdbx_nmr_ensemble_rms.distance_rms_dev                       0.453 
_pdbx_nmr_ensemble_rms.distance_rms_dev_error                 ? 
_pdbx_nmr_ensemble_rms.entry_id                               2LIA 
_pdbx_nmr_ensemble_rms.improper_torsion_angle_rms_dev         ? 
_pdbx_nmr_ensemble_rms.improper_torsion_angle_rms_dev_error   ? 
_pdbx_nmr_ensemble_rms.peptide_planarity_rms_dev              ? 
_pdbx_nmr_ensemble_rms.peptide_planarity_rms_dev_error        ? 
_pdbx_nmr_ensemble_rms.residue_range_begin                    ? 
_pdbx_nmr_ensemble_rms.residue_range_end                      ? 
# 
_pdbx_nmr_representative.conformer_id         1 
_pdbx_nmr_representative.entry_id             2LIA 
_pdbx_nmr_representative.selection_criteria   'closest to the average' 
# 
_pdbx_nmr_sample_details.contents         
;0.25 mM [U-2H] DNA dodecamer, 10 mM [U-2H] sodium phosphate, 200 mM [U-2H] sodium chloride, 0.011 M [U-2H] sodium azide, 0.05 mM [U-2H] sodium EDTA, 100% D2O
;
_pdbx_nmr_sample_details.solution_id      1 
_pdbx_nmr_sample_details.solvent_system   '100% D2O' 
# 
loop_
_pdbx_nmr_exptl_sample.component 
_pdbx_nmr_exptl_sample.concentration 
_pdbx_nmr_exptl_sample.concentration_range 
_pdbx_nmr_exptl_sample.concentration_units 
_pdbx_nmr_exptl_sample.isotopic_labeling 
_pdbx_nmr_exptl_sample.solution_id 
'DNA dodecamer-1'    0.25  ? mM '[U-2H]' 1 
'sodium phosphate-2' 10    ? mM '[U-2H]' 1 
'sodium chloride-3'  200   ? mM '[U-2H]' 1 
'sodium azide-4'     0.011 ? M  '[U-2H]' 1 
'sodium EDTA-5'      0.05  ? mM '[U-2H]' 1 
# 
_pdbx_nmr_exptl_sample_conditions.conditions_id       1 
_pdbx_nmr_exptl_sample_conditions.ionic_strength      0.21 
_pdbx_nmr_exptl_sample_conditions.pH                  7 
_pdbx_nmr_exptl_sample_conditions.pressure            ambient 
_pdbx_nmr_exptl_sample_conditions.pressure_units      ? 
_pdbx_nmr_exptl_sample_conditions.temperature         298 
_pdbx_nmr_exptl_sample_conditions.temperature_units   K 
# 
loop_
_pdbx_nmr_exptl.conditions_id 
_pdbx_nmr_exptl.experiment_id 
_pdbx_nmr_exptl.solution_id 
_pdbx_nmr_exptl.type 
1 1 1 '2D 1H-1H NOESY' 
1 2 1 '2D 1H-1H COSY'  
# 
_pdbx_nmr_constraints.disulfide_bond_constraints_total_count        ? 
_pdbx_nmr_constraints.entry_id                                      2LIA 
_pdbx_nmr_constraints.hydrogen_bond_constraints_total_count         ? 
_pdbx_nmr_constraints.NA_alpha-angle_constraints_total_count        ? 
_pdbx_nmr_constraints.NA_beta-angle_constraints_total_count         ? 
_pdbx_nmr_constraints.NA_chi-angle_constraints_total_count          ? 
_pdbx_nmr_constraints.NA_delta-angle_constraints_total_count        ? 
_pdbx_nmr_constraints.NA_epsilon-angle_constraints_total_count      ? 
_pdbx_nmr_constraints.NA_gamma-angle_constraints_total_count        ? 
_pdbx_nmr_constraints.NA_other-angle_constraints_total_count        ? 
_pdbx_nmr_constraints.NA_sugar_pucker_constraints_total_count       ? 
_pdbx_nmr_constraints.NOE_constraints_total                         211 
_pdbx_nmr_constraints.NOE_interentity_total_count                   ? 
_pdbx_nmr_constraints.NOE_interproton_distance_evaluation           ? 
_pdbx_nmr_constraints.NOE_intraresidue_total_count                  114 
_pdbx_nmr_constraints.NOE_long_range_total_count                    ? 
_pdbx_nmr_constraints.NOE_medium_range_total_count                  ? 
_pdbx_nmr_constraints.NOE_motional_averaging_correction             ? 
_pdbx_nmr_constraints.NOE_pseudoatom_corrections                    ? 
_pdbx_nmr_constraints.NOE_sequential_total_count                    97 
_pdbx_nmr_constraints.protein_chi_angle_constraints_total_count     ? 
_pdbx_nmr_constraints.protein_other_angle_constraints_total_count   ? 
_pdbx_nmr_constraints.protein_phi_angle_constraints_total_count     ? 
_pdbx_nmr_constraints.protein_psi_angle_constraints_total_count     ? 
# 
_pdbx_nmr_refine.entry_id           2LIA 
_pdbx_nmr_refine.method             'simulated annealing' 
_pdbx_nmr_refine.details            ? 
_pdbx_nmr_refine.software_ordinal   1 
# 
loop_
_pdbx_nmr_software.authors 
_pdbx_nmr_software.classification 
_pdbx_nmr_software.name 
_pdbx_nmr_software.version 
_pdbx_nmr_software.ordinal 
'Bruker Biospin'                                                      processing                  TopSpin 2.0.b.6 1 
Goddard                                                               'chemical shift assignment' Sparky  ?       2 
'Case, Darden, Cheatham, III, Simmerling, Wang, Duke, Luo, and Kollm' refinement                  Amber   10      3 
# 
loop_
_chem_comp_atom.comp_id 
_chem_comp_atom.atom_id 
_chem_comp_atom.type_symbol 
_chem_comp_atom.pdbx_aromatic_flag 
_chem_comp_atom.pdbx_stereo_config 
_chem_comp_atom.pdbx_ordinal 
2LA P      P N N 1   
2LA N1     N N N 2   
2LA C2     C N N 3   
2LA N2     N N N 4   
2LA N3     N N N 5   
2LA C4     C Y N 6   
2LA C5     C Y N 7   
2LA C6     C N N 8   
2LA O6     O N N 9   
2LA C7     C Y N 10  
2LA C8     C Y N 11  
2LA N9     N Y N 12  
2LA "C1'"  C N R 13  
2LA C10    C N N 14  
2LA N11    N N N 15  
2LA OP1    O N N 16  
2LA "C2'"  C N N 17  
2LA OP2    O N N 18  
2LA "C3'"  C N S 19  
2LA "O3'"  O N N 20  
2LA "C4'"  C N R 21  
2LA "O4'"  O N N 22  
2LA "C5'"  C N N 23  
2LA "O5'"  O N N 24  
2LA H1N1   H N N 25  
2LA H8     H N N 26  
2LA H10    H N N 27  
2LA H10A   H N N 28  
2LA "H1'"  H N N 29  
2LA HN11   H N N 30  
2LA HN1A   H N N 31  
2LA "H12'" H N N 32  
2LA "H22'" H N N 33  
2LA HN2    H N N 34  
2LA HN2A   H N N 35  
2LA "H3'"  H N N 36  
2LA "H4'"  H N N 37  
2LA "H15'" H N N 38  
2LA "H25'" H N N 39  
2LA OP3    O N N 40  
2LA HOP2   H N N 41  
2LA "HO3'" H N N 42  
2LA HOP3   H N N 43  
DA  OP3    O N N 44  
DA  P      P N N 45  
DA  OP1    O N N 46  
DA  OP2    O N N 47  
DA  "O5'"  O N N 48  
DA  "C5'"  C N N 49  
DA  "C4'"  C N R 50  
DA  "O4'"  O N N 51  
DA  "C3'"  C N S 52  
DA  "O3'"  O N N 53  
DA  "C2'"  C N N 54  
DA  "C1'"  C N R 55  
DA  N9     N Y N 56  
DA  C8     C Y N 57  
DA  N7     N Y N 58  
DA  C5     C Y N 59  
DA  C6     C Y N 60  
DA  N6     N N N 61  
DA  N1     N Y N 62  
DA  C2     C Y N 63  
DA  N3     N Y N 64  
DA  C4     C Y N 65  
DA  HOP3   H N N 66  
DA  HOP2   H N N 67  
DA  "H5'"  H N N 68  
DA  "H5''" H N N 69  
DA  "H4'"  H N N 70  
DA  "H3'"  H N N 71  
DA  "HO3'" H N N 72  
DA  "H2'"  H N N 73  
DA  "H2''" H N N 74  
DA  "H1'"  H N N 75  
DA  H8     H N N 76  
DA  H61    H N N 77  
DA  H62    H N N 78  
DA  H2     H N N 79  
DC  OP3    O N N 80  
DC  P      P N N 81  
DC  OP1    O N N 82  
DC  OP2    O N N 83  
DC  "O5'"  O N N 84  
DC  "C5'"  C N N 85  
DC  "C4'"  C N R 86  
DC  "O4'"  O N N 87  
DC  "C3'"  C N S 88  
DC  "O3'"  O N N 89  
DC  "C2'"  C N N 90  
DC  "C1'"  C N R 91  
DC  N1     N N N 92  
DC  C2     C N N 93  
DC  O2     O N N 94  
DC  N3     N N N 95  
DC  C4     C N N 96  
DC  N4     N N N 97  
DC  C5     C N N 98  
DC  C6     C N N 99  
DC  HOP3   H N N 100 
DC  HOP2   H N N 101 
DC  "H5'"  H N N 102 
DC  "H5''" H N N 103 
DC  "H4'"  H N N 104 
DC  "H3'"  H N N 105 
DC  "HO3'" H N N 106 
DC  "H2'"  H N N 107 
DC  "H2''" H N N 108 
DC  "H1'"  H N N 109 
DC  H41    H N N 110 
DC  H42    H N N 111 
DC  H5     H N N 112 
DC  H6     H N N 113 
DG  OP3    O N N 114 
DG  P      P N N 115 
DG  OP1    O N N 116 
DG  OP2    O N N 117 
DG  "O5'"  O N N 118 
DG  "C5'"  C N N 119 
DG  "C4'"  C N R 120 
DG  "O4'"  O N N 121 
DG  "C3'"  C N S 122 
DG  "O3'"  O N N 123 
DG  "C2'"  C N N 124 
DG  "C1'"  C N R 125 
DG  N9     N Y N 126 
DG  C8     C Y N 127 
DG  N7     N Y N 128 
DG  C5     C Y N 129 
DG  C6     C N N 130 
DG  O6     O N N 131 
DG  N1     N N N 132 
DG  C2     C N N 133 
DG  N2     N N N 134 
DG  N3     N N N 135 
DG  C4     C Y N 136 
DG  HOP3   H N N 137 
DG  HOP2   H N N 138 
DG  "H5'"  H N N 139 
DG  "H5''" H N N 140 
DG  "H4'"  H N N 141 
DG  "H3'"  H N N 142 
DG  "HO3'" H N N 143 
DG  "H2'"  H N N 144 
DG  "H2''" H N N 145 
DG  "H1'"  H N N 146 
DG  H8     H N N 147 
DG  H1     H N N 148 
DG  H21    H N N 149 
DG  H22    H N N 150 
DT  OP3    O N N 151 
DT  P      P N N 152 
DT  OP1    O N N 153 
DT  OP2    O N N 154 
DT  "O5'"  O N N 155 
DT  "C5'"  C N N 156 
DT  "C4'"  C N R 157 
DT  "O4'"  O N N 158 
DT  "C3'"  C N S 159 
DT  "O3'"  O N N 160 
DT  "C2'"  C N N 161 
DT  "C1'"  C N R 162 
DT  N1     N N N 163 
DT  C2     C N N 164 
DT  O2     O N N 165 
DT  N3     N N N 166 
DT  C4     C N N 167 
DT  O4     O N N 168 
DT  C5     C N N 169 
DT  C7     C N N 170 
DT  C6     C N N 171 
DT  HOP3   H N N 172 
DT  HOP2   H N N 173 
DT  "H5'"  H N N 174 
DT  "H5''" H N N 175 
DT  "H4'"  H N N 176 
DT  "H3'"  H N N 177 
DT  "HO3'" H N N 178 
DT  "H2'"  H N N 179 
DT  "H2''" H N N 180 
DT  "H1'"  H N N 181 
DT  H3     H N N 182 
DT  H71    H N N 183 
DT  H72    H N N 184 
DT  H73    H N N 185 
DT  H6     H N N 186 
# 
loop_
_chem_comp_bond.comp_id 
_chem_comp_bond.atom_id_1 
_chem_comp_bond.atom_id_2 
_chem_comp_bond.value_order 
_chem_comp_bond.pdbx_aromatic_flag 
_chem_comp_bond.pdbx_stereo_config 
_chem_comp_bond.pdbx_ordinal 
2LA P     OP1    doub N N 1   
2LA P     OP2    sing N N 2   
2LA P     "O5'"  sing N N 3   
2LA N1    C2     sing N N 4   
2LA N1    C6     sing N N 5   
2LA N1    H1N1   sing N N 6   
2LA C2    N2     sing N N 7   
2LA C2    N3     doub N N 8   
2LA N2    HN2    sing N N 9   
2LA N2    HN2A   sing N N 10  
2LA N3    C4     sing N N 11  
2LA C4    C5     doub Y N 12  
2LA C4    N9     sing Y N 13  
2LA C5    C6     sing N N 14  
2LA C5    C7     sing Y N 15  
2LA C6    O6     doub N N 16  
2LA C7    C8     doub Y N 17  
2LA C7    C10    sing N N 18  
2LA C8    N9     sing Y N 19  
2LA C8    H8     sing N N 20  
2LA N9    "C1'"  sing N N 21  
2LA "C1'" "C2'"  sing N N 22  
2LA "C1'" "O4'"  sing N N 23  
2LA "C1'" "H1'"  sing N N 24  
2LA C10   N11    sing N N 25  
2LA C10   H10    sing N N 26  
2LA C10   H10A   sing N N 27  
2LA N11   HN11   sing N N 28  
2LA N11   HN1A   sing N N 29  
2LA "C2'" "C3'"  sing N N 30  
2LA "C2'" "H12'" sing N N 31  
2LA "C2'" "H22'" sing N N 32  
2LA "C3'" "O3'"  sing N N 33  
2LA "C3'" "C4'"  sing N N 34  
2LA "C3'" "H3'"  sing N N 35  
2LA "C4'" "O4'"  sing N N 36  
2LA "C4'" "C5'"  sing N N 37  
2LA "C4'" "H4'"  sing N N 38  
2LA "C5'" "O5'"  sing N N 39  
2LA "C5'" "H15'" sing N N 40  
2LA "C5'" "H25'" sing N N 41  
2LA P     OP3    sing N N 42  
2LA OP2   HOP2   sing N N 43  
2LA "O3'" "HO3'" sing N N 44  
2LA OP3   HOP3   sing N N 45  
DA  OP3   P      sing N N 46  
DA  OP3   HOP3   sing N N 47  
DA  P     OP1    doub N N 48  
DA  P     OP2    sing N N 49  
DA  P     "O5'"  sing N N 50  
DA  OP2   HOP2   sing N N 51  
DA  "O5'" "C5'"  sing N N 52  
DA  "C5'" "C4'"  sing N N 53  
DA  "C5'" "H5'"  sing N N 54  
DA  "C5'" "H5''" sing N N 55  
DA  "C4'" "O4'"  sing N N 56  
DA  "C4'" "C3'"  sing N N 57  
DA  "C4'" "H4'"  sing N N 58  
DA  "O4'" "C1'"  sing N N 59  
DA  "C3'" "O3'"  sing N N 60  
DA  "C3'" "C2'"  sing N N 61  
DA  "C3'" "H3'"  sing N N 62  
DA  "O3'" "HO3'" sing N N 63  
DA  "C2'" "C1'"  sing N N 64  
DA  "C2'" "H2'"  sing N N 65  
DA  "C2'" "H2''" sing N N 66  
DA  "C1'" N9     sing N N 67  
DA  "C1'" "H1'"  sing N N 68  
DA  N9    C8     sing Y N 69  
DA  N9    C4     sing Y N 70  
DA  C8    N7     doub Y N 71  
DA  C8    H8     sing N N 72  
DA  N7    C5     sing Y N 73  
DA  C5    C6     sing Y N 74  
DA  C5    C4     doub Y N 75  
DA  C6    N6     sing N N 76  
DA  C6    N1     doub Y N 77  
DA  N6    H61    sing N N 78  
DA  N6    H62    sing N N 79  
DA  N1    C2     sing Y N 80  
DA  C2    N3     doub Y N 81  
DA  C2    H2     sing N N 82  
DA  N3    C4     sing Y N 83  
DC  OP3   P      sing N N 84  
DC  OP3   HOP3   sing N N 85  
DC  P     OP1    doub N N 86  
DC  P     OP2    sing N N 87  
DC  P     "O5'"  sing N N 88  
DC  OP2   HOP2   sing N N 89  
DC  "O5'" "C5'"  sing N N 90  
DC  "C5'" "C4'"  sing N N 91  
DC  "C5'" "H5'"  sing N N 92  
DC  "C5'" "H5''" sing N N 93  
DC  "C4'" "O4'"  sing N N 94  
DC  "C4'" "C3'"  sing N N 95  
DC  "C4'" "H4'"  sing N N 96  
DC  "O4'" "C1'"  sing N N 97  
DC  "C3'" "O3'"  sing N N 98  
DC  "C3'" "C2'"  sing N N 99  
DC  "C3'" "H3'"  sing N N 100 
DC  "O3'" "HO3'" sing N N 101 
DC  "C2'" "C1'"  sing N N 102 
DC  "C2'" "H2'"  sing N N 103 
DC  "C2'" "H2''" sing N N 104 
DC  "C1'" N1     sing N N 105 
DC  "C1'" "H1'"  sing N N 106 
DC  N1    C2     sing N N 107 
DC  N1    C6     sing N N 108 
DC  C2    O2     doub N N 109 
DC  C2    N3     sing N N 110 
DC  N3    C4     doub N N 111 
DC  C4    N4     sing N N 112 
DC  C4    C5     sing N N 113 
DC  N4    H41    sing N N 114 
DC  N4    H42    sing N N 115 
DC  C5    C6     doub N N 116 
DC  C5    H5     sing N N 117 
DC  C6    H6     sing N N 118 
DG  OP3   P      sing N N 119 
DG  OP3   HOP3   sing N N 120 
DG  P     OP1    doub N N 121 
DG  P     OP2    sing N N 122 
DG  P     "O5'"  sing N N 123 
DG  OP2   HOP2   sing N N 124 
DG  "O5'" "C5'"  sing N N 125 
DG  "C5'" "C4'"  sing N N 126 
DG  "C5'" "H5'"  sing N N 127 
DG  "C5'" "H5''" sing N N 128 
DG  "C4'" "O4'"  sing N N 129 
DG  "C4'" "C3'"  sing N N 130 
DG  "C4'" "H4'"  sing N N 131 
DG  "O4'" "C1'"  sing N N 132 
DG  "C3'" "O3'"  sing N N 133 
DG  "C3'" "C2'"  sing N N 134 
DG  "C3'" "H3'"  sing N N 135 
DG  "O3'" "HO3'" sing N N 136 
DG  "C2'" "C1'"  sing N N 137 
DG  "C2'" "H2'"  sing N N 138 
DG  "C2'" "H2''" sing N N 139 
DG  "C1'" N9     sing N N 140 
DG  "C1'" "H1'"  sing N N 141 
DG  N9    C8     sing Y N 142 
DG  N9    C4     sing Y N 143 
DG  C8    N7     doub Y N 144 
DG  C8    H8     sing N N 145 
DG  N7    C5     sing Y N 146 
DG  C5    C6     sing N N 147 
DG  C5    C4     doub Y N 148 
DG  C6    O6     doub N N 149 
DG  C6    N1     sing N N 150 
DG  N1    C2     sing N N 151 
DG  N1    H1     sing N N 152 
DG  C2    N2     sing N N 153 
DG  C2    N3     doub N N 154 
DG  N2    H21    sing N N 155 
DG  N2    H22    sing N N 156 
DG  N3    C4     sing N N 157 
DT  OP3   P      sing N N 158 
DT  OP3   HOP3   sing N N 159 
DT  P     OP1    doub N N 160 
DT  P     OP2    sing N N 161 
DT  P     "O5'"  sing N N 162 
DT  OP2   HOP2   sing N N 163 
DT  "O5'" "C5'"  sing N N 164 
DT  "C5'" "C4'"  sing N N 165 
DT  "C5'" "H5'"  sing N N 166 
DT  "C5'" "H5''" sing N N 167 
DT  "C4'" "O4'"  sing N N 168 
DT  "C4'" "C3'"  sing N N 169 
DT  "C4'" "H4'"  sing N N 170 
DT  "O4'" "C1'"  sing N N 171 
DT  "C3'" "O3'"  sing N N 172 
DT  "C3'" "C2'"  sing N N 173 
DT  "C3'" "H3'"  sing N N 174 
DT  "O3'" "HO3'" sing N N 175 
DT  "C2'" "C1'"  sing N N 176 
DT  "C2'" "H2'"  sing N N 177 
DT  "C2'" "H2''" sing N N 178 
DT  "C1'" N1     sing N N 179 
DT  "C1'" "H1'"  sing N N 180 
DT  N1    C2     sing N N 181 
DT  N1    C6     sing N N 182 
DT  C2    O2     doub N N 183 
DT  C2    N3     sing N N 184 
DT  N3    C4     sing N N 185 
DT  N3    H3     sing N N 186 
DT  C4    O4     doub N N 187 
DT  C4    C5     sing N N 188 
DT  C5    C7     sing N N 189 
DT  C5    C6     doub N N 190 
DT  C7    H71    sing N N 191 
DT  C7    H72    sing N N 192 
DT  C7    H73    sing N N 193 
DT  C6    H6     sing N N 194 
# 
loop_
_ndb_struct_conf_na.entry_id 
_ndb_struct_conf_na.feature 
2LIA 'double helix'         
2LIA 'b-form double helix'  
2LIA 'mismatched base pair' 
# 
loop_
_ndb_struct_na_base_pair.model_number 
_ndb_struct_na_base_pair.i_label_asym_id 
_ndb_struct_na_base_pair.i_label_comp_id 
_ndb_struct_na_base_pair.i_label_seq_id 
_ndb_struct_na_base_pair.i_symmetry 
_ndb_struct_na_base_pair.j_label_asym_id 
_ndb_struct_na_base_pair.j_label_comp_id 
_ndb_struct_na_base_pair.j_label_seq_id 
_ndb_struct_na_base_pair.j_symmetry 
_ndb_struct_na_base_pair.shear 
_ndb_struct_na_base_pair.stretch 
_ndb_struct_na_base_pair.stagger 
_ndb_struct_na_base_pair.buckle 
_ndb_struct_na_base_pair.propeller 
_ndb_struct_na_base_pair.opening 
_ndb_struct_na_base_pair.pair_number 
_ndb_struct_na_base_pair.pair_name 
_ndb_struct_na_base_pair.i_auth_asym_id 
_ndb_struct_na_base_pair.i_auth_seq_id 
_ndb_struct_na_base_pair.i_PDB_ins_code 
_ndb_struct_na_base_pair.j_auth_asym_id 
_ndb_struct_na_base_pair.j_auth_seq_id 
_ndb_struct_na_base_pair.j_PDB_ins_code 
_ndb_struct_na_base_pair.hbond_type_28 
_ndb_struct_na_base_pair.hbond_type_12 
1 A DG 1  1_555 B DC 12 1_555 -0.431 -0.093 -0.492 -3.528 -14.166 3.037  1  A_DG1:DC24_B  A 1  ? B 24 ? 19 1 
1 A DA 2  1_555 B DT 11 1_555 -0.062 -0.019 0.168  11.015 -15.511 2.169  2  A_DA2:DT23_B  A 2  ? B 23 ? 20 1 
1 A DG 3  1_555 B DC 10 1_555 -0.239 -0.049 0.195  4.064  -4.877  -0.038 3  A_DG3:DC22_B  A 3  ? B 22 ? 19 1 
1 A DA 4  1_555 B DT 9  1_555 0.121  -0.022 -0.428 -3.849 -17.641 -2.624 4  A_DA4:DT21_B  A 4  ? B 21 ? 20 1 
1 A DC 6  1_555 B DG 7  1_555 0.376  -0.102 0.173  0.181  -7.648  -1.563 5  A_DC6:DG19_B  A 6  ? B 19 ? 19 1 
1 A DG 7  1_555 B DC 6  1_555 -0.418 -0.075 0.027  3.952  -5.877  0.145  6  A_DG7:DC18_B  A 7  ? B 18 ? 19 1 
1 A DT 9  1_555 B DA 4  1_555 -0.208 -0.072 -0.428 3.700  -19.708 -3.394 7  A_DT9:DA16_B  A 9  ? B 16 ? 20 1 
1 A DC 10 1_555 B DG 3  1_555 0.274  -0.122 0.045  -4.538 -8.527  -2.904 8  A_DC10:DG15_B A 10 ? B 15 ? 19 1 
1 A DT 11 1_555 B DA 2  1_555 -0.037 -0.028 0.253  -6.931 -15.926 2.649  9  A_DT11:DA14_B A 11 ? B 14 ? 20 1 
1 A DC 12 1_555 B DG 1  1_555 0.443  -0.088 -0.285 7.029  -17.999 0.561  10 A_DC12:DG13_B A 12 ? B 13 ? 19 1 
# 
loop_
_ndb_struct_na_base_pair_step.model_number 
_ndb_struct_na_base_pair_step.i_label_asym_id_1 
_ndb_struct_na_base_pair_step.i_label_comp_id_1 
_ndb_struct_na_base_pair_step.i_label_seq_id_1 
_ndb_struct_na_base_pair_step.i_symmetry_1 
_ndb_struct_na_base_pair_step.j_label_asym_id_1 
_ndb_struct_na_base_pair_step.j_label_comp_id_1 
_ndb_struct_na_base_pair_step.j_label_seq_id_1 
_ndb_struct_na_base_pair_step.j_symmetry_1 
_ndb_struct_na_base_pair_step.i_label_asym_id_2 
_ndb_struct_na_base_pair_step.i_label_comp_id_2 
_ndb_struct_na_base_pair_step.i_label_seq_id_2 
_ndb_struct_na_base_pair_step.i_symmetry_2 
_ndb_struct_na_base_pair_step.j_label_asym_id_2 
_ndb_struct_na_base_pair_step.j_label_comp_id_2 
_ndb_struct_na_base_pair_step.j_label_seq_id_2 
_ndb_struct_na_base_pair_step.j_symmetry_2 
_ndb_struct_na_base_pair_step.shift 
_ndb_struct_na_base_pair_step.slide 
_ndb_struct_na_base_pair_step.rise 
_ndb_struct_na_base_pair_step.tilt 
_ndb_struct_na_base_pair_step.roll 
_ndb_struct_na_base_pair_step.twist 
_ndb_struct_na_base_pair_step.x_displacement 
_ndb_struct_na_base_pair_step.y_displacement 
_ndb_struct_na_base_pair_step.helical_rise 
_ndb_struct_na_base_pair_step.inclination 
_ndb_struct_na_base_pair_step.tip 
_ndb_struct_na_base_pair_step.helical_twist 
_ndb_struct_na_base_pair_step.step_number 
_ndb_struct_na_base_pair_step.step_name 
_ndb_struct_na_base_pair_step.i_auth_asym_id_1 
_ndb_struct_na_base_pair_step.i_auth_seq_id_1 
_ndb_struct_na_base_pair_step.i_PDB_ins_code_1 
_ndb_struct_na_base_pair_step.j_auth_asym_id_1 
_ndb_struct_na_base_pair_step.j_auth_seq_id_1 
_ndb_struct_na_base_pair_step.j_PDB_ins_code_1 
_ndb_struct_na_base_pair_step.i_auth_asym_id_2 
_ndb_struct_na_base_pair_step.i_auth_seq_id_2 
_ndb_struct_na_base_pair_step.i_PDB_ins_code_2 
_ndb_struct_na_base_pair_step.j_auth_asym_id_2 
_ndb_struct_na_base_pair_step.j_auth_seq_id_2 
_ndb_struct_na_base_pair_step.j_PDB_ins_code_2 
1 A DG 1  1_555 B DC 12 1_555 A DA 2  1_555 B DT 11 1_555 0.021  -0.277 2.998 -5.937 -2.023 30.641 -0.162 -1.072 2.953 -3.778 
11.089 31.261 1 AA_DG1DA2:DT23DC24_BB   A 1  ? B 24 ? A 2  ? B 23 ? 
1 A DA 2  1_555 B DT 11 1_555 A DG 3  1_555 B DC 10 1_555 -1.573 -0.531 3.305 -3.946 6.830  34.776 -1.883 1.984  3.298 11.249 
6.499  35.632 2 AA_DA2DG3:DC22DT23_BB   A 2  ? B 23 ? A 3  ? B 22 ? 
1 A DG 3  1_555 B DC 10 1_555 A DA 4  1_555 B DT 9  1_555 -0.840 -0.091 3.560 2.009  11.970 33.683 -2.014 1.682  3.285 19.873 
-3.335 35.743 3 AA_DG3DA4:DT21DC22_BB   A 3  ? B 22 ? A 4  ? B 21 ? 
1 A DA 4  1_555 B DT 9  1_555 A DC 6  1_555 B DG 7  1_555 0.200  -0.534 6.392 -3.757 5.550  69.049 -0.862 -0.441 6.322 4.885  
3.306  69.333 4 AA_DA4DC6:DG19DT21_BB   A 4  ? B 21 ? A 6  ? B 19 ? 
1 A DC 6  1_555 B DG 7  1_555 A DG 7  1_555 B DC 6  1_555 0.063  -0.574 3.188 0.154  6.058  29.863 -2.251 -0.090 3.016 11.606 
-0.294 30.458 5 AA_DC6DG7:DC18DG19_BB   A 6  ? B 19 ? A 7  ? B 18 ? 
1 A DG 7  1_555 B DC 6  1_555 A DT 9  1_555 B DA 4  1_555 -0.217 -0.736 6.543 3.230  6.303  69.631 -1.089 0.418  6.451 5.506  
-2.821 69.945 6 AA_DG7DT9:DA16DC18_BB   A 7  ? B 18 ? A 9  ? B 16 ? 
1 A DT 9  1_555 B DA 4  1_555 A DC 10 1_555 B DG 3  1_555 0.772  -0.268 3.518 -0.883 12.156 36.833 -1.988 -1.279 3.253 18.623 
1.353  38.730 7 AA_DT9DC10:DG15DA16_BB  A 9  ? B 16 ? A 10 ? B 15 ? 
1 A DC 10 1_555 B DG 3  1_555 A DT 11 1_555 B DA 2  1_555 0.950  -0.865 3.253 0.662  3.814  28.509 -2.580 -1.767 3.134 7.699  
-1.337 28.765 8 AA_DC10DT11:DA14DG15_BB A 10 ? B 15 ? A 11 ? B 14 ? 
1 A DT 11 1_555 B DA 2  1_555 A DC 12 1_555 B DG 1  1_555 -0.062 -0.383 3.050 4.815  -3.483 31.770 -0.110 0.911  3.032 -6.294 
-8.701 32.307 9 AA_DT11DC12:DG13DA14_BB A 11 ? B 14 ? A 12 ? B 13 ? 
# 
_pdbx_nmr_spectrometer.field_strength    800 
_pdbx_nmr_spectrometer.manufacturer      Bruker 
_pdbx_nmr_spectrometer.model             AVANCE 
_pdbx_nmr_spectrometer.spectrometer_id   1 
_pdbx_nmr_spectrometer.type              'Bruker Avance' 
# 
_atom_sites.entry_id                    2LIA 
_atom_sites.fract_transf_matrix[1][1]   1.000000 
_atom_sites.fract_transf_matrix[1][2]   0.000000 
_atom_sites.fract_transf_matrix[1][3]   0.000000 
_atom_sites.fract_transf_matrix[2][1]   0.000000 
_atom_sites.fract_transf_matrix[2][2]   1.000000 
_atom_sites.fract_transf_matrix[2][3]   0.000000 
_atom_sites.fract_transf_matrix[3][1]   0.000000 
_atom_sites.fract_transf_matrix[3][2]   0.000000 
_atom_sites.fract_transf_matrix[3][3]   1.000000 
_atom_sites.fract_transf_vector[1]      0.00000 
_atom_sites.fract_transf_vector[2]      0.00000 
_atom_sites.fract_transf_vector[3]      0.00000 
# 
loop_
_atom_type.symbol 
C 
H 
N 
O 
P 
# 
loop_
_atom_site.group_PDB 
_atom_site.id 
_atom_site.type_symbol 
_atom_site.label_atom_id 
_atom_site.label_alt_id 
_atom_site.label_comp_id 
_atom_site.label_asym_id 
_atom_site.label_entity_id 
_atom_site.label_seq_id 
_atom_site.pdbx_PDB_ins_code 
_atom_site.Cartn_x 
_atom_site.Cartn_y 
_atom_site.Cartn_z 
_atom_site.occupancy 
_atom_site.B_iso_or_equiv 
_atom_site.pdbx_formal_charge 
_atom_site.auth_seq_id 
_atom_site.auth_comp_id 
_atom_site.auth_asym_id 
_atom_site.auth_atom_id 
_atom_site.pdbx_PDB_model_num 
ATOM   1   O "O5'"  . DG  A 1 1  ? -14.198 8.968   -9.905  1.00 0.00 ? 1  DG  A "O5'"  1 
ATOM   2   C "C5'"  . DG  A 1 1  ? -15.290 8.327   -10.551 1.00 0.00 ? 1  DG  A "C5'"  1 
ATOM   3   C "C4'"  . DG  A 1 1  ? -15.200 6.784   -10.544 1.00 0.00 ? 1  DG  A "C4'"  1 
ATOM   4   O "O4'"  . DG  A 1 1  ? -14.197 6.345   -11.458 1.00 0.00 ? 1  DG  A "O4'"  1 
ATOM   5   C "C3'"  . DG  A 1 1  ? -14.844 6.149   -9.195  1.00 0.00 ? 1  DG  A "C3'"  1 
ATOM   6   O "O3'"  . DG  A 1 1  ? -15.531 4.914   -9.066  1.00 0.00 ? 1  DG  A "O3'"  1 
ATOM   7   C "C2'"  . DG  A 1 1  ? -13.311 6.017   -9.274  1.00 0.00 ? 1  DG  A "C2'"  1 
ATOM   8   C "C1'"  . DG  A 1 1  ? -13.077 5.815   -10.782 1.00 0.00 ? 1  DG  A "C1'"  1 
ATOM   9   N N9     . DG  A 1 1  ? -11.811 6.430   -11.266 1.00 0.00 ? 1  DG  A N9     1 
ATOM   10  C C8     . DG  A 1 1  ? -11.260 7.669   -10.985 1.00 0.00 ? 1  DG  A C8     1 
ATOM   11  N N7     . DG  A 1 1  ? -10.169 7.943   -11.654 1.00 0.00 ? 1  DG  A N7     1 
ATOM   12  C C5     . DG  A 1 1  ? -10.002 6.808   -12.481 1.00 0.00 ? 1  DG  A C5     1 
ATOM   13  C C6     . DG  A 1 1  ? -9.012  6.489   -13.469 1.00 0.00 ? 1  DG  A C6     1 
ATOM   14  O O6     . DG  A 1 1  ? -8.055  7.166   -13.871 1.00 0.00 ? 1  DG  A O6     1 
ATOM   15  N N1     . DG  A 1 1  ? -9.166  5.227   -14.016 1.00 0.00 ? 1  DG  A N1     1 
ATOM   16  C C2     . DG  A 1 1  ? -10.164 4.371   -13.676 1.00 0.00 ? 1  DG  A C2     1 
ATOM   17  N N2     . DG  A 1 1  ? -10.219 3.199   -14.260 1.00 0.00 ? 1  DG  A N2     1 
ATOM   18  N N3     . DG  A 1 1  ? -11.119 4.638   -12.795 1.00 0.00 ? 1  DG  A N3     1 
ATOM   19  C C4     . DG  A 1 1  ? -10.990 5.885   -12.229 1.00 0.00 ? 1  DG  A C4     1 
ATOM   20  H "H5'"  . DG  A 1 1  ? -15.316 8.656   -11.590 1.00 0.00 ? 1  DG  A "H5'"  1 
ATOM   21  H "H5''" . DG  A 1 1  ? -16.215 8.648   -10.073 1.00 0.00 ? 1  DG  A "H5''" 1 
ATOM   22  H "H4'"  . DG  A 1 1  ? -16.176 6.434   -10.879 1.00 0.00 ? 1  DG  A "H4'"  1 
ATOM   23  H "H3'"  . DG  A 1 1  ? -15.103 6.824   -8.379  1.00 0.00 ? 1  DG  A "H3'"  1 
ATOM   24  H "H2'"  . DG  A 1 1  ? -12.883 6.940   -8.884  1.00 0.00 ? 1  DG  A "H2'"  1 
ATOM   25  H "H2''" . DG  A 1 1  ? -12.926 5.159   -8.723  1.00 0.00 ? 1  DG  A "H2''" 1 
ATOM   26  H "H1'"  . DG  A 1 1  ? -13.037 4.740   -10.955 1.00 0.00 ? 1  DG  A "H1'"  1 
ATOM   27  H H8     . DG  A 1 1  ? -11.710 8.336   -10.264 1.00 0.00 ? 1  DG  A H8     1 
ATOM   28  H H1     . DG  A 1 1  ? -8.439  4.934   -14.653 1.00 0.00 ? 1  DG  A H1     1 
ATOM   29  H H21    . DG  A 1 1  ? -10.930 2.546   -13.964 1.00 0.00 ? 1  DG  A H21    1 
ATOM   30  H H22    . DG  A 1 1  ? -9.438  2.908   -14.830 1.00 0.00 ? 1  DG  A H22    1 
ATOM   31  H "HO5'" . DG  A 1 1  ? -14.369 9.912   -9.912  1.00 0.00 ? 1  DG  A "HO5'" 1 
ATOM   32  P P      . DA  A 1 2  ? -15.358 3.912   -7.812  1.00 0.00 ? 2  DA  A P      1 
ATOM   33  O OP1    . DA  A 1 2  ? -16.588 3.073   -7.738  1.00 0.00 ? 2  DA  A OP1    1 
ATOM   34  O OP2    . DA  A 1 2  ? -14.996 4.725   -6.634  1.00 0.00 ? 2  DA  A OP2    1 
ATOM   35  O "O5'"  . DA  A 1 2  ? -14.125 2.973   -8.262  1.00 0.00 ? 2  DA  A "O5'"  1 
ATOM   36  C "C5'"  . DA  A 1 2  ? -14.270 2.077   -9.352  1.00 0.00 ? 2  DA  A "C5'"  1 
ATOM   37  C "C4'"  . DA  A 1 2  ? -12.945 1.410   -9.783  1.00 0.00 ? 2  DA  A "C4'"  1 
ATOM   38  O "O4'"  . DA  A 1 2  ? -12.009 2.362   -10.299 1.00 0.00 ? 2  DA  A "O4'"  1 
ATOM   39  C "C3'"  . DA  A 1 2  ? -12.243 0.584   -8.676  1.00 0.00 ? 2  DA  A "C3'"  1 
ATOM   40  O "O3'"  . DA  A 1 2  ? -11.915 -0.689  -9.220  1.00 0.00 ? 2  DA  A "O3'"  1 
ATOM   41  C "C2'"  . DA  A 1 2  ? -10.987 1.405   -8.420  1.00 0.00 ? 2  DA  A "C2'"  1 
ATOM   42  C "C1'"  . DA  A 1 2  ? -10.721 2.001   -9.808  1.00 0.00 ? 2  DA  A "C1'"  1 
ATOM   43  N N9     . DA  A 1 2  ? -9.778  3.137   -9.818  1.00 0.00 ? 2  DA  A N9     1 
ATOM   44  C C8     . DA  A 1 2  ? -9.737  4.255   -9.006  1.00 0.00 ? 2  DA  A C8     1 
ATOM   45  N N7     . DA  A 1 2  ? -8.780  5.106   -9.302  1.00 0.00 ? 2  DA  A N7     1 
ATOM   46  C C5     . DA  A 1 2  ? -8.125  4.470   -10.373 1.00 0.00 ? 2  DA  A C5     1 
ATOM   47  C C6     . DA  A 1 2  ? -7.029  4.789   -11.222 1.00 0.00 ? 2  DA  A C6     1 
ATOM   48  N N6     . DA  A 1 2  ? -6.329  5.911   -11.154 1.00 0.00 ? 2  DA  A N6     1 
ATOM   49  N N1     . DA  A 1 2  ? -6.627  3.976   -12.206 1.00 0.00 ? 2  DA  A N1     1 
ATOM   50  C C2     . DA  A 1 2  ? -7.255  2.815   -12.311 1.00 0.00 ? 2  DA  A C2     1 
ATOM   51  N N3     . DA  A 1 2  ? -8.299  2.383   -11.624 1.00 0.00 ? 2  DA  A N3     1 
ATOM   52  C C4     . DA  A 1 2  ? -8.700  3.270   -10.659 1.00 0.00 ? 2  DA  A C4     1 
ATOM   53  H "H5'"  . DA  A 1 2  ? -14.660 2.591   -10.230 1.00 0.00 ? 2  DA  A "H5'"  1 
ATOM   54  H "H5''" . DA  A 1 2  ? -14.984 1.297   -9.088  1.00 0.00 ? 2  DA  A "H5''" 1 
ATOM   55  H "H4'"  . DA  A 1 2  ? -13.191 0.708   -10.578 1.00 0.00 ? 2  DA  A "H4'"  1 
ATOM   56  H "H3'"  . DA  A 1 2  ? -12.860 0.505   -7.782  1.00 0.00 ? 2  DA  A "H3'"  1 
ATOM   57  H "H2'"  . DA  A 1 2  ? -11.209 2.191   -7.697  1.00 0.00 ? 2  DA  A "H2'"  1 
ATOM   58  H "H2''" . DA  A 1 2  ? -10.145 0.790   -8.104  1.00 0.00 ? 2  DA  A "H2''" 1 
ATOM   59  H "H1'"  . DA  A 1 2  ? -10.303 1.219   -10.441 1.00 0.00 ? 2  DA  A "H1'"  1 
ATOM   60  H H8     . DA  A 1 2  ? -10.455 4.434   -8.219  1.00 0.00 ? 2  DA  A H8     1 
ATOM   61  H H61    . DA  A 1 2  ? -6.558  6.546   -10.402 1.00 0.00 ? 2  DA  A H61    1 
ATOM   62  H H62    . DA  A 1 2  ? -5.615  6.092   -11.844 1.00 0.00 ? 2  DA  A H62    1 
ATOM   63  H H2     . DA  A 1 2  ? -6.920  2.145   -13.088 1.00 0.00 ? 2  DA  A H2     1 
ATOM   64  P P      . DG  A 1 3  ? -11.600 -1.980  -8.292  1.00 0.00 ? 3  DG  A P      1 
ATOM   65  O OP1    . DG  A 1 3  ? -12.664 -2.964  -8.536  1.00 0.00 ? 3  DG  A OP1    1 
ATOM   66  O OP2    . DG  A 1 3  ? -11.311 -1.554  -6.900  1.00 0.00 ? 3  DG  A OP2    1 
ATOM   67  O "O5'"  . DG  A 1 3  ? -10.223 -2.498  -8.922  1.00 0.00 ? 3  DG  A "O5'"  1 
ATOM   68  C "C5'"  . DG  A 1 3  ? -10.183 -3.079  -10.234 1.00 0.00 ? 3  DG  A "C5'"  1 
ATOM   69  C "C4'"  . DG  A 1 3  ? -8.846  -3.700  -10.657 1.00 0.00 ? 3  DG  A "C4'"  1 
ATOM   70  O "O4'"  . DG  A 1 3  ? -7.938  -2.659  -10.977 1.00 0.00 ? 3  DG  A "O4'"  1 
ATOM   71  C "C3'"  . DG  A 1 3  ? -8.168  -4.561  -9.596  1.00 0.00 ? 3  DG  A "C3'"  1 
ATOM   72  O "O3'"  . DG  A 1 3  ? -7.447  -5.632  -10.228 1.00 0.00 ? 3  DG  A "O3'"  1 
ATOM   73  C "C2'"  . DG  A 1 3  ? -7.246  -3.561  -8.906  1.00 0.00 ? 3  DG  A "C2'"  1 
ATOM   74  C "C1'"  . DG  A 1 3  ? -6.875  -2.606  -10.036 1.00 0.00 ? 3  DG  A "C1'"  1 
ATOM   75  N N9     . DG  A 1 3  ? -6.633  -1.206  -9.640  1.00 0.00 ? 3  DG  A N9     1 
ATOM   76  C C8     . DG  A 1 3  ? -7.395  -0.402  -8.815  1.00 0.00 ? 3  DG  A C8     1 
ATOM   77  N N7     . DG  A 1 3  ? -6.939  0.823   -8.692  1.00 0.00 ? 3  DG  A N7     1 
ATOM   78  C C5     . DG  A 1 3  ? -5.779  0.835   -9.505  1.00 0.00 ? 3  DG  A C5     1 
ATOM   79  C C6     . DG  A 1 3  ? -4.863  1.865   -9.859  1.00 0.00 ? 3  DG  A C6     1 
ATOM   80  O O6     . DG  A 1 3  ? -4.851  3.043   -9.531  1.00 0.00 ? 3  DG  A O6     1 
ATOM   81  N N1     . DG  A 1 3  ? -3.838  1.448   -10.659 1.00 0.00 ? 3  DG  A N1     1 
ATOM   82  C C2     . DG  A 1 3  ? -3.698  0.186   -11.116 1.00 0.00 ? 3  DG  A C2     1 
ATOM   83  N N2     . DG  A 1 3  ? -2.653  -0.073  -11.865 1.00 0.00 ? 3  DG  A N2     1 
ATOM   84  N N3     . DG  A 1 3  ? -4.538  -0.810  -10.853 1.00 0.00 ? 3  DG  A N3     1 
ATOM   85  C C4     . DG  A 1 3  ? -5.565  -0.427  -10.034 1.00 0.00 ? 3  DG  A C4     1 
ATOM   86  H "H5'"  . DG  A 1 3  ? -10.490 -2.328  -10.963 1.00 0.00 ? 3  DG  A "H5'"  1 
ATOM   87  H "H5''" . DG  A 1 3  ? -10.942 -3.861  -10.278 1.00 0.00 ? 3  DG  A "H5''" 1 
ATOM   88  H "H4'"  . DG  A 1 3  ? -8.997  -4.318  -11.541 1.00 0.00 ? 3  DG  A "H4'"  1 
ATOM   89  H "H3'"  . DG  A 1 3  ? -8.904  -4.986  -8.913  1.00 0.00 ? 3  DG  A "H3'"  1 
ATOM   90  H "H2'"  . DG  A 1 3  ? -7.803  -3.063  -8.113  1.00 0.00 ? 3  DG  A "H2'"  1 
ATOM   91  H "H2''" . DG  A 1 3  ? -6.363  -4.049  -8.492  1.00 0.00 ? 3  DG  A "H2''" 1 
ATOM   92  H "H1'"  . DG  A 1 3  ? -5.978  -3.005  -10.509 1.00 0.00 ? 3  DG  A "H1'"  1 
ATOM   93  H H8     . DG  A 1 3  ? -8.282  -0.751  -8.309  1.00 0.00 ? 3  DG  A H8     1 
ATOM   94  H H1     . DG  A 1 3  ? -3.143  2.130   -10.926 1.00 0.00 ? 3  DG  A H1     1 
ATOM   95  H H21    . DG  A 1 3  ? -2.559  -1.020  -12.202 1.00 0.00 ? 3  DG  A H21    1 
ATOM   96  H H22    . DG  A 1 3  ? -1.937  0.616   -12.048 1.00 0.00 ? 3  DG  A H22    1 
ATOM   97  P P      . DA  A 1 4  ? -6.693  -6.801  -9.382  1.00 0.00 ? 4  DA  A P      1 
ATOM   98  O OP1    . DA  A 1 4  ? -6.758  -8.037  -10.195 1.00 0.00 ? 4  DA  A OP1    1 
ATOM   99  O OP2    . DA  A 1 4  ? -7.214  -6.810  -8.001  1.00 0.00 ? 4  DA  A OP2    1 
ATOM   100 O "O5'"  . DA  A 1 4  ? -5.146  -6.334  -9.314  1.00 0.00 ? 4  DA  A "O5'"  1 
ATOM   101 C "C5'"  . DA  A 1 4  ? -4.328  -6.366  -10.487 1.00 0.00 ? 4  DA  A "C5'"  1 
ATOM   102 C "C4'"  . DA  A 1 4  ? -2.837  -6.021  -10.268 1.00 0.00 ? 4  DA  A "C4'"  1 
ATOM   103 O "O4'"  . DA  A 1 4  ? -2.652  -4.610  -10.108 1.00 0.00 ? 4  DA  A "O4'"  1 
ATOM   104 C "C3'"  . DA  A 1 4  ? -2.241  -6.723  -9.033  1.00 0.00 ? 4  DA  A "C3'"  1 
ATOM   105 O "O3'"  . DA  A 1 4  ? -0.963  -7.258  -9.373  1.00 0.00 ? 4  DA  A "O3'"  1 
ATOM   106 C "C2'"  . DA  A 1 4  ? -2.219  -5.580  -8.017  1.00 0.00 ? 4  DA  A "C2'"  1 
ATOM   107 C "C1'"  . DA  A 1 4  ? -2.007  -4.337  -8.872  1.00 0.00 ? 4  DA  A "C1'"  1 
ATOM   108 N N9     . DA  A 1 4  ? -2.599  -3.099  -8.311  1.00 0.00 ? 4  DA  A N9     1 
ATOM   109 C C8     . DA  A 1 4  ? -3.778  -2.939  -7.613  1.00 0.00 ? 4  DA  A C8     1 
ATOM   110 N N7     . DA  A 1 4  ? -4.014  -1.713  -7.222  1.00 0.00 ? 4  DA  A N7     1 
ATOM   111 C C5     . DA  A 1 4  ? -2.896  -0.996  -7.719  1.00 0.00 ? 4  DA  A C5     1 
ATOM   112 C C6     . DA  A 1 4  ? -2.503  0.360   -7.684  1.00 0.00 ? 4  DA  A C6     1 
ATOM   113 N N6     . DA  A 1 4  ? -3.202  1.314   -7.090  1.00 0.00 ? 4  DA  A N6     1 
ATOM   114 N N1     . DA  A 1 4  ? -1.376  0.751   -8.273  1.00 0.00 ? 4  DA  A N1     1 
ATOM   115 C C2     . DA  A 1 4  ? -0.651  -0.166  -8.898  1.00 0.00 ? 4  DA  A C2     1 
ATOM   116 N N3     . DA  A 1 4  ? -0.883  -1.470  -8.996  1.00 0.00 ? 4  DA  A N3     1 
ATOM   117 C C4     . DA  A 1 4  ? -2.043  -1.830  -8.387  1.00 0.00 ? 4  DA  A C4     1 
ATOM   118 H "H5'"  . DA  A 1 4  ? -4.718  -5.703  -11.260 1.00 0.00 ? 4  DA  A "H5'"  1 
ATOM   119 H "H5''" . DA  A 1 4  ? -4.345  -7.398  -10.837 1.00 0.00 ? 4  DA  A "H5''" 1 
ATOM   120 H "H4'"  . DA  A 1 4  ? -2.288  -6.341  -11.154 1.00 0.00 ? 4  DA  A "H4'"  1 
ATOM   121 H "H3'"  . DA  A 1 4  ? -2.897  -7.508  -8.657  1.00 0.00 ? 4  DA  A "H3'"  1 
ATOM   122 H "H2'"  . DA  A 1 4  ? -3.178  -5.556  -7.500  1.00 0.00 ? 4  DA  A "H2'"  1 
ATOM   123 H "H2''" . DA  A 1 4  ? -1.433  -5.689  -7.269  1.00 0.00 ? 4  DA  A "H2''" 1 
ATOM   124 H "H1'"  . DA  A 1 4  ? -0.932  -4.201  -8.987  1.00 0.00 ? 4  DA  A "H1'"  1 
ATOM   125 H H8     . DA  A 1 4  ? -4.417  -3.771  -7.356  1.00 0.00 ? 4  DA  A H8     1 
ATOM   126 H H61    . DA  A 1 4  ? -4.078  1.095   -6.638  1.00 0.00 ? 4  DA  A H61    1 
ATOM   127 H H62    . DA  A 1 4  ? -2.886  2.273   -7.120  1.00 0.00 ? 4  DA  A H62    1 
ATOM   128 H H2     . DA  A 1 4  ? 0.260   0.212   -9.338  1.00 0.00 ? 4  DA  A H2     1 
HETATM 129 P P      . 2LA A 1 5  ? -0.033  -8.071  -8.336  1.00 0.00 ? 5  2LA A P      1 
HETATM 130 N N1     . 2LA A 1 5  ? 0.420   0.946   -5.084  1.00 0.00 ? 5  2LA A N1     1 
HETATM 131 C C2     . 2LA A 1 5  ? 1.571   0.736   -5.744  1.00 0.00 ? 5  2LA A C2     1 
HETATM 132 N N2     . 2LA A 1 5  ? 2.396   1.747   -5.857  1.00 0.00 ? 5  2LA A N2     1 
HETATM 133 N N3     . 2LA A 1 5  ? 1.961   -0.419  -6.270  1.00 0.00 ? 5  2LA A N3     1 
HETATM 134 C C4     . 2LA A 1 5  ? 1.052   -1.385  -6.050  1.00 0.00 ? 5  2LA A C4     1 
HETATM 135 C C5     . 2LA A 1 5  ? -0.137  -1.261  -5.374  1.00 0.00 ? 5  2LA A C5     1 
HETATM 136 C C6     . 2LA A 1 5  ? -0.529  0.006   -4.883  1.00 0.00 ? 5  2LA A C6     1 
HETATM 137 O O6     . 2LA A 1 5  ? -1.550  0.367   -4.317  1.00 0.00 ? 5  2LA A O6     1 
HETATM 138 C C7     . 2LA A 1 5  ? -0.860  -2.468  -5.298  1.00 0.00 ? 5  2LA A C7     1 
HETATM 139 C C8     . 2LA A 1 5  ? 0.008   -3.324  -5.985  1.00 0.00 ? 5  2LA A C8     1 
HETATM 140 N N9     . 2LA A 1 5  ? 1.137   -2.691  -6.459  1.00 0.00 ? 5  2LA A N9     1 
HETATM 141 C "C1'"  . 2LA A 1 5  ? 2.268   -3.299  -7.189  1.00 0.00 ? 5  2LA A "C1'"  1 
HETATM 142 C C10    . 2LA A 1 5  ? -2.142  -2.986  -4.644  1.00 0.00 ? 5  2LA A C10    1 
HETATM 143 N N11    . 2LA A 1 5  ? -3.140  -1.942  -4.357  1.00 0.00 ? 5  2LA A N11    1 
HETATM 144 O OP1    . 2LA A 1 5  ? 0.656   -9.167  -9.063  1.00 0.00 ? 5  2LA A OP1    1 
HETATM 145 C "C2'"  . 2LA A 1 5  ? 3.049   -4.226  -6.288  1.00 0.00 ? 5  2LA A "C2'"  1 
HETATM 146 O OP2    . 2LA A 1 5  ? -0.826  -8.389  -7.113  1.00 0.00 ? 5  2LA A OP2    1 
HETATM 147 C "C3'"  . 2LA A 1 5  ? 3.497   -5.370  -7.201  1.00 0.00 ? 5  2LA A "C3'"  1 
HETATM 148 O "O3'"  . 2LA A 1 5  ? 4.863   -5.350  -7.567  1.00 0.00 ? 5  2LA A "O3'"  1 
HETATM 149 C "C4'"  . 2LA A 1 5  ? 2.660   -5.161  -8.487  1.00 0.00 ? 5  2LA A "C4'"  1 
HETATM 150 O "O4'"  . 2LA A 1 5  ? 1.746   -4.103  -8.237  1.00 0.00 ? 5  2LA A "O4'"  1 
HETATM 151 C "C5'"  . 2LA A 1 5  ? 1.944   -6.443  -8.967  1.00 0.00 ? 5  2LA A "C5'"  1 
HETATM 152 O "O5'"  . 2LA A 1 5  ? 1.074   -6.965  -7.963  1.00 0.00 ? 5  2LA A "O5'"  1 
HETATM 153 H H1N1   . 2LA A 1 5  ? 0.203   1.880   -4.766  1.00 0.00 ? 5  2LA A H1N1   1 
HETATM 154 H H8     . 2LA A 1 5  ? -0.195  -4.380  -6.079  1.00 0.00 ? 5  2LA A H8     1 
HETATM 155 H H10    . 2LA A 1 5  ? -2.572  -3.767  -5.272  1.00 0.00 ? 5  2LA A H10    1 
HETATM 156 H H10A   . 2LA A 1 5  ? -1.858  -3.500  -3.726  1.00 0.00 ? 5  2LA A H10A   1 
HETATM 157 H "H1'"  . 2LA A 1 5  ? 2.907   -2.526  -7.617  1.00 0.00 ? 5  2LA A "H1'"  1 
HETATM 158 H HN11   . 2LA A 1 5  ? -2.710  -1.144  -3.913  1.00 0.00 ? 5  2LA A HN11   1 
HETATM 159 H HN1A   . 2LA A 1 5  ? -3.890  -2.286  -3.775  1.00 0.00 ? 5  2LA A HN1A   1 
HETATM 160 H "H12'" . 2LA A 1 5  ? 2.390   -4.627  -5.518  1.00 0.00 ? 5  2LA A "H12'" 1 
HETATM 161 H "H22'" . 2LA A 1 5  ? 3.912   -3.733  -5.840  1.00 0.00 ? 5  2LA A "H22'" 1 
HETATM 162 H HN2    . 2LA A 1 5  ? 3.266   1.579   -6.341  1.00 0.00 ? 5  2LA A HN2    1 
HETATM 163 H HN2A   . 2LA A 1 5  ? 2.134   2.649   -5.486  1.00 0.00 ? 5  2LA A HN2A   1 
HETATM 164 H "H3'"  . 2LA A 1 5  ? 3.239   -6.330  -6.753  1.00 0.00 ? 5  2LA A "H3'"  1 
HETATM 165 H "H4'"  . 2LA A 1 5  ? 3.322   -4.839  -9.291  1.00 0.00 ? 5  2LA A "H4'"  1 
HETATM 166 H "H15'" . 2LA A 1 5  ? 1.395   -6.229  -9.883  1.00 0.00 ? 5  2LA A "H15'" 1 
HETATM 167 H "H25'" . 2LA A 1 5  ? 2.695   -7.203  -9.179  1.00 0.00 ? 5  2LA A "H25'" 1 
HETATM 168 H H111   . 2LA A 1 5  ? -3.544  -1.591  -5.215  1.00 0.00 ? 5  2LA A H111   1 
ATOM   169 P P      . DC  A 1 6  ? 6.042   -5.709  -6.516  1.00 0.00 ? 6  DC  A P      1 
ATOM   170 O OP1    . DC  A 1 6  ? 7.263   -6.024  -7.284  1.00 0.00 ? 6  DC  A OP1    1 
ATOM   171 O OP2    . DC  A 1 6  ? 5.536   -6.720  -5.566  1.00 0.00 ? 6  DC  A OP2    1 
ATOM   172 O "O5'"  . DC  A 1 6  ? 6.321   -4.332  -5.723  1.00 0.00 ? 6  DC  A "O5'"  1 
ATOM   173 C "C5'"  . DC  A 1 6  ? 6.805   -3.152  -6.394  1.00 0.00 ? 6  DC  A "C5'"  1 
ATOM   174 C "C4'"  . DC  A 1 6  ? 6.785   -1.931  -5.465  1.00 0.00 ? 6  DC  A "C4'"  1 
ATOM   175 O "O4'"  . DC  A 1 6  ? 5.457   -1.533  -5.176  1.00 0.00 ? 6  DC  A "O4'"  1 
ATOM   176 C "C3'"  . DC  A 1 6  ? 7.562   -2.106  -4.146  1.00 0.00 ? 6  DC  A "C3'"  1 
ATOM   177 O "O3'"  . DC  A 1 6  ? 8.645   -1.171  -4.131  1.00 0.00 ? 6  DC  A "O3'"  1 
ATOM   178 C "C2'"  . DC  A 1 6  ? 6.481   -1.875  -3.088  1.00 0.00 ? 6  DC  A "C2'"  1 
ATOM   179 C "C1'"  . DC  A 1 6  ? 5.407   -1.077  -3.827  1.00 0.00 ? 6  DC  A "C1'"  1 
ATOM   180 N N1     . DC  A 1 6  ? 4.043   -1.262  -3.269  1.00 0.00 ? 6  DC  A N1     1 
ATOM   181 C C2     . DC  A 1 6  ? 3.285   -0.156  -2.843  1.00 0.00 ? 6  DC  A C2     1 
ATOM   182 O O2     . DC  A 1 6  ? 3.712   1.005   -2.823  1.00 0.00 ? 6  DC  A O2     1 
ATOM   183 N N3     . DC  A 1 6  ? 2.024   -0.330  -2.382  1.00 0.00 ? 6  DC  A N3     1 
ATOM   184 C C4     . DC  A 1 6  ? 1.535   -1.551  -2.352  1.00 0.00 ? 6  DC  A C4     1 
ATOM   185 N N4     . DC  A 1 6  ? 0.319   -1.687  -1.932  1.00 0.00 ? 6  DC  A N4     1 
ATOM   186 C C5     . DC  A 1 6  ? 2.257   -2.708  -2.764  1.00 0.00 ? 6  DC  A C5     1 
ATOM   187 C C6     . DC  A 1 6  ? 3.508   -2.520  -3.210  1.00 0.00 ? 6  DC  A C6     1 
ATOM   188 H "H5'"  . DC  A 1 6  ? 6.187   -2.923  -7.262  1.00 0.00 ? 6  DC  A "H5'"  1 
ATOM   189 H "H5''" . DC  A 1 6  ? 7.824   -3.338  -6.732  1.00 0.00 ? 6  DC  A "H5''" 1 
ATOM   190 H "H4'"  . DC  A 1 6  ? 7.260   -1.123  -6.024  1.00 0.00 ? 6  DC  A "H4'"  1 
ATOM   191 H "H3'"  . DC  A 1 6  ? 7.928   -3.131  -4.078  1.00 0.00 ? 6  DC  A "H3'"  1 
ATOM   192 H "H2'"  . DC  A 1 6  ? 6.080   -2.829  -2.744  1.00 0.00 ? 6  DC  A "H2'"  1 
ATOM   193 H "H2''" . DC  A 1 6  ? 6.858   -1.311  -2.235  1.00 0.00 ? 6  DC  A "H2''" 1 
ATOM   194 H "H1'"  . DC  A 1 6  ? 5.680   -0.021  -3.815  1.00 0.00 ? 6  DC  A "H1'"  1 
ATOM   195 H H41    . DC  A 1 6  ? -0.084  -2.610  -1.863  1.00 0.00 ? 6  DC  A H41    1 
ATOM   196 H H42    . DC  A 1 6  ? -0.178  -0.851  -1.663  1.00 0.00 ? 6  DC  A H42    1 
ATOM   197 H H5     . DC  A 1 6  ? 1.834   -3.702  -2.762  1.00 0.00 ? 6  DC  A H5     1 
ATOM   198 H H6     . DC  A 1 6  ? 4.108   -3.343  -3.571  1.00 0.00 ? 6  DC  A H6     1 
ATOM   199 P P      . DG  A 1 7  ? 9.725   -1.100  -2.928  1.00 0.00 ? 7  DG  A P      1 
ATOM   200 O OP1    . DG  A 1 7  ? 10.995  -0.529  -3.468  1.00 0.00 ? 7  DG  A OP1    1 
ATOM   201 O OP2    . DG  A 1 7  ? 9.766   -2.399  -2.195  1.00 0.00 ? 7  DG  A OP2    1 
ATOM   202 O "O5'"  . DG  A 1 7  ? 9.062   0.003   -1.958  1.00 0.00 ? 7  DG  A "O5'"  1 
ATOM   203 C "C5'"  . DG  A 1 7  ? 8.898   1.355   -2.372  1.00 0.00 ? 7  DG  A "C5'"  1 
ATOM   204 C "C4'"  . DG  A 1 7  ? 8.286   2.263   -1.295  1.00 0.00 ? 7  DG  A "C4'"  1 
ATOM   205 O "O4'"  . DG  A 1 7  ? 6.917   1.931   -1.177  1.00 0.00 ? 7  DG  A "O4'"  1 
ATOM   206 C "C3'"  . DG  A 1 7  ? 8.961   2.152   0.089   1.00 0.00 ? 7  DG  A "C3'"  1 
ATOM   207 O "O3'"  . DG  A 1 7  ? 9.355   3.460   0.501   1.00 0.00 ? 7  DG  A "O3'"  1 
ATOM   208 C "C2'"  . DG  A 1 7  ? 7.865   1.486   0.924   1.00 0.00 ? 7  DG  A "C2'"  1 
ATOM   209 C "C1'"  . DG  A 1 7  ? 6.571   1.903   0.192   1.00 0.00 ? 7  DG  A "C1'"  1 
ATOM   210 N N9     . DG  A 1 7  ? 5.468   0.943   0.421   1.00 0.00 ? 7  DG  A N9     1 
ATOM   211 C C8     . DG  A 1 7  ? 5.447   -0.414  0.206   1.00 0.00 ? 7  DG  A C8     1 
ATOM   212 N N7     . DG  A 1 7  ? 4.272   -0.980  0.381   1.00 0.00 ? 7  DG  A N7     1 
ATOM   213 C C5     . DG  A 1 7  ? 3.447   0.106   0.735   1.00 0.00 ? 7  DG  A C5     1 
ATOM   214 C C6     . DG  A 1 7  ? 2.054   0.173   1.103   1.00 0.00 ? 7  DG  A C6     1 
ATOM   215 O O6     . DG  A 1 7  ? 1.208   -0.723  1.140   1.00 0.00 ? 7  DG  A O6     1 
ATOM   216 N N1     . DG  A 1 7  ? 1.643   1.429   1.481   1.00 0.00 ? 7  DG  A N1     1 
ATOM   217 C C2     . DG  A 1 7  ? 2.460   2.519   1.532   1.00 0.00 ? 7  DG  A C2     1 
ATOM   218 N N2     . DG  A 1 7  ? 1.937   3.624   1.966   1.00 0.00 ? 7  DG  A N2     1 
ATOM   219 N N3     . DG  A 1 7  ? 3.750   2.510   1.195   1.00 0.00 ? 7  DG  A N3     1 
ATOM   220 C C4     . DG  A 1 7  ? 4.179   1.271   0.768   1.00 0.00 ? 7  DG  A C4     1 
ATOM   221 H "H5'"  . DG  A 1 7  ? 8.259   1.375   -3.255  1.00 0.00 ? 7  DG  A "H5'"  1 
ATOM   222 H "H5''" . DG  A 1 7  ? 9.858   1.762   -2.689  1.00 0.00 ? 7  DG  A "H5''" 1 
ATOM   223 H "H4'"  . DG  A 1 7  ? 8.365   3.292   -1.642  1.00 0.00 ? 7  DG  A "H4'"  1 
ATOM   224 H "H3'"  . DG  A 1 7  ? 9.831   1.498   0.039   1.00 0.00 ? 7  DG  A "H3'"  1 
ATOM   225 H "H2'"  . DG  A 1 7  ? 7.999   0.404   0.889   1.00 0.00 ? 7  DG  A "H2'"  1 
ATOM   226 H "H2''" . DG  A 1 7  ? 7.891   1.851   1.950   1.00 0.00 ? 7  DG  A "H2''" 1 
ATOM   227 H "H1'"  . DG  A 1 7  ? 6.289   2.891   0.556   1.00 0.00 ? 7  DG  A "H1'"  1 
ATOM   228 H H8     . DG  A 1 7  ? 6.340   -0.949  -0.079  1.00 0.00 ? 7  DG  A H8     1 
ATOM   229 H H1     . DG  A 1 7  ? 0.672   1.535   1.739   1.00 0.00 ? 7  DG  A H1     1 
ATOM   230 H H21    . DG  A 1 7  ? 2.531   4.440   2.030   1.00 0.00 ? 7  DG  A H21    1 
ATOM   231 H H22    . DG  A 1 7  ? 0.987   3.662   2.306   1.00 0.00 ? 7  DG  A H22    1 
ATOM   232 P P      . DC  A 1 8  ? 10.184  3.737   1.851   1.00 0.00 ? 8  DC  A P      1 
ATOM   233 O OP1    . DC  A 1 8  ? 11.001  4.961   1.650   1.00 0.00 ? 8  DC  A OP1    1 
ATOM   234 O OP2    . DC  A 1 8  ? 10.867  2.481   2.284   1.00 0.00 ? 8  DC  A OP2    1 
ATOM   235 O "O5'"  . DC  A 1 8  ? 9.017   4.084   2.918   1.00 0.00 ? 8  DC  A "O5'"  1 
ATOM   236 C "C5'"  . DC  A 1 8  ? 8.256   5.286   2.845   1.00 0.00 ? 8  DC  A "C5'"  1 
ATOM   237 C "C4'"  . DC  A 1 8  ? 7.090   5.277   3.863   1.00 0.00 ? 8  DC  A "C4'"  1 
ATOM   238 O "O4'"  . DC  A 1 8  ? 6.137   4.285   3.542   1.00 0.00 ? 8  DC  A "O4'"  1 
ATOM   239 C "C3'"  . DC  A 1 8  ? 7.511   5.097   5.330   1.00 0.00 ? 8  DC  A "C3'"  1 
ATOM   240 O "O3'"  . DC  A 1 8  ? 7.492   6.361   6.014   1.00 0.00 ? 8  DC  A "O3'"  1 
ATOM   241 C "C2'"  . DC  A 1 8  ? 6.473   4.123   5.870   1.00 0.00 ? 8  DC  A "C2'"  1 
ATOM   242 C "C1'"  . DC  A 1 8  ? 5.504   3.863   4.726   1.00 0.00 ? 8  DC  A "C1'"  1 
ATOM   243 N N1     . DC  A 1 8  ? 5.126   2.426   4.573   1.00 0.00 ? 8  DC  A N1     1 
ATOM   244 C C2     . DC  A 1 8  ? 3.792   2.043   4.724   1.00 0.00 ? 8  DC  A C2     1 
ATOM   245 O O2     . DC  A 1 8  ? 2.917   2.843   5.058   1.00 0.00 ? 8  DC  A O2     1 
ATOM   246 N N3     . DC  A 1 8  ? 3.402   0.777   4.480   1.00 0.00 ? 8  DC  A N3     1 
ATOM   247 C C4     . DC  A 1 8  ? 4.321   -0.090  4.084   1.00 0.00 ? 8  DC  A C4     1 
ATOM   248 N N4     . DC  A 1 8  ? 3.828   -1.267  3.818   1.00 0.00 ? 8  DC  A N4     1 
ATOM   249 C C5     . DC  A 1 8  ? 5.698   0.216   3.931   1.00 0.00 ? 8  DC  A C5     1 
ATOM   250 C C6     . DC  A 1 8  ? 6.063   1.498   4.191   1.00 0.00 ? 8  DC  A C6     1 
ATOM   251 H "H5'"  . DC  A 1 8  ? 7.845   5.411   1.844   1.00 0.00 ? 8  DC  A "H5'"  1 
ATOM   252 H "H5''" . DC  A 1 8  ? 8.890   6.146   3.059   1.00 0.00 ? 8  DC  A "H5''" 1 
ATOM   253 H "H4'"  . DC  A 1 8  ? 6.570   6.231   3.776   1.00 0.00 ? 8  DC  A "H4'"  1 
ATOM   254 H "H3'"  . DC  A 1 8  ? 8.512   4.668   5.384   1.00 0.00 ? 8  DC  A "H3'"  1 
ATOM   255 H "H2'"  . DC  A 1 8  ? 6.978   3.211   6.189   1.00 0.00 ? 8  DC  A "H2'"  1 
ATOM   256 H "H2''" . DC  A 1 8  ? 5.910   4.529   6.710   1.00 0.00 ? 8  DC  A "H2''" 1 
ATOM   257 H "H1'"  . DC  A 1 8  ? 4.610   4.461   4.909   1.00 0.00 ? 8  DC  A "H1'"  1 
ATOM   258 H H41    . DC  A 1 8  ? 4.422   -2.009  3.479   1.00 0.00 ? 8  DC  A H41    1 
ATOM   259 H H42    . DC  A 1 8  ? 2.828   -1.382  3.907   1.00 0.00 ? 8  DC  A H42    1 
ATOM   260 H H5     . DC  A 1 8  ? 6.450   -0.486  3.600   1.00 0.00 ? 8  DC  A H5     1 
ATOM   261 H H6     . DC  A 1 8  ? 7.098   1.794   4.095   1.00 0.00 ? 8  DC  A H6     1 
ATOM   262 P P      . DT  A 1 9  ? 7.933   6.545   7.553   1.00 0.00 ? 9  DT  A P      1 
ATOM   263 O OP1    . DT  A 1 9  ? 8.295   7.967   7.762   1.00 0.00 ? 9  DT  A OP1    1 
ATOM   264 O OP2    . DT  A 1 9  ? 8.944   5.513   7.892   1.00 0.00 ? 9  DT  A OP2    1 
ATOM   265 O "O5'"  . DT  A 1 9  ? 6.567   6.227   8.373   1.00 0.00 ? 9  DT  A "O5'"  1 
ATOM   266 C "C5'"  . DT  A 1 9  ? 5.405   7.026   8.179   1.00 0.00 ? 9  DT  A "C5'"  1 
ATOM   267 C "C4'"  . DT  A 1 9  ? 4.142   6.402   8.803   1.00 0.00 ? 9  DT  A "C4'"  1 
ATOM   268 O "O4'"  . DT  A 1 9  ? 3.804   5.194   8.108   1.00 0.00 ? 9  DT  A "O4'"  1 
ATOM   269 C "C3'"  . DT  A 1 9  ? 4.317   6.072   10.299  1.00 0.00 ? 9  DT  A "C3'"  1 
ATOM   270 O "O3'"  . DT  A 1 9  ? 3.398   6.828   11.082  1.00 0.00 ? 9  DT  A "O3'"  1 
ATOM   271 C "C2'"  . DT  A 1 9  ? 3.978   4.572   10.349  1.00 0.00 ? 9  DT  A "C2'"  1 
ATOM   272 C "C1'"  . DT  A 1 9  ? 3.277   4.259   9.035   1.00 0.00 ? 9  DT  A "C1'"  1 
ATOM   273 N N1     . DT  A 1 9  ? 3.564   2.870   8.585   1.00 0.00 ? 9  DT  A N1     1 
ATOM   274 C C2     . DT  A 1 9  ? 2.520   1.939   8.483   1.00 0.00 ? 9  DT  A C2     1 
ATOM   275 O O2     . DT  A 1 9  ? 1.358   2.181   8.803   1.00 0.00 ? 9  DT  A O2     1 
ATOM   276 N N3     . DT  A 1 9  ? 2.859   0.681   8.037   1.00 0.00 ? 9  DT  A N3     1 
ATOM   277 C C4     . DT  A 1 9  ? 4.135   0.243   7.757   1.00 0.00 ? 9  DT  A C4     1 
ATOM   278 O O4     . DT  A 1 9  ? 4.316   -0.886  7.327   1.00 0.00 ? 9  DT  A O4     1 
ATOM   279 C C5     . DT  A 1 9  ? 5.183   1.221   8.046   1.00 0.00 ? 9  DT  A C5     1 
ATOM   280 C C7     . DT  A 1 9  ? 6.634   0.858   7.948   1.00 0.00 ? 9  DT  A C7     1 
ATOM   281 C C6     . DT  A 1 9  ? 4.865   2.482   8.442   1.00 0.00 ? 9  DT  A C6     1 
ATOM   282 H "H5'"  . DT  A 1 9  ? 5.184   7.158   7.120   1.00 0.00 ? 9  DT  A "H5'"  1 
ATOM   283 H "H5''" . DT  A 1 9  ? 5.552   8.014   8.614   1.00 0.00 ? 9  DT  A "H5''" 1 
ATOM   284 H "H4'"  . DT  A 1 9  ? 3.315   7.105   8.704   1.00 0.00 ? 9  DT  A "H4'"  1 
ATOM   285 H "H3'"  . DT  A 1 9  ? 5.347   6.242   10.612  1.00 0.00 ? 9  DT  A "H3'"  1 
ATOM   286 H "H2'"  . DT  A 1 9  ? 4.875   3.973   10.513  1.00 0.00 ? 9  DT  A "H2'"  1 
ATOM   287 H "H2''" . DT  A 1 9  ? 3.305   4.295   11.161  1.00 0.00 ? 9  DT  A "H2''" 1 
ATOM   288 H "H1'"  . DT  A 1 9  ? 2.201   4.391   9.153   1.00 0.00 ? 9  DT  A "H1'"  1 
ATOM   289 H H3     . DT  A 1 9  ? 2.118   0.000   7.956   1.00 0.00 ? 9  DT  A H3     1 
ATOM   290 H H71    . DT  A 1 9  ? 6.946   0.744   6.910   1.00 0.00 ? 9  DT  A H71    1 
ATOM   291 H H72    . DT  A 1 9  ? 7.206   1.647   8.436   1.00 0.00 ? 9  DT  A H72    1 
ATOM   292 H H73    . DT  A 1 9  ? 6.824   -0.056  8.511   1.00 0.00 ? 9  DT  A H73    1 
ATOM   293 H H6     . DT  A 1 9  ? 5.627   3.211   8.675   1.00 0.00 ? 9  DT  A H6     1 
ATOM   294 P P      . DC  A 1 10 ? 3.488   6.924   12.684  1.00 0.00 ? 10 DC  A P      1 
ATOM   295 O OP1    . DC  A 1 10 ? 2.666   8.078   13.128  1.00 0.00 ? 10 DC  A OP1    1 
ATOM   296 O OP2    . DC  A 1 10 ? 4.917   6.873   13.099  1.00 0.00 ? 10 DC  A OP2    1 
ATOM   297 O "O5'"  . DC  A 1 10 ? 2.783   5.568   13.163  1.00 0.00 ? 10 DC  A "O5'"  1 
ATOM   298 C "C5'"  . DC  A 1 10 ? 1.400   5.328   12.963  1.00 0.00 ? 10 DC  A "C5'"  1 
ATOM   299 C "C4'"  . DC  A 1 10 ? 0.979   3.921   13.445  1.00 0.00 ? 10 DC  A "C4'"  1 
ATOM   300 O "O4'"  . DC  A 1 10 ? 1.341   2.931   12.524  1.00 0.00 ? 10 DC  A "O4'"  1 
ATOM   301 C "C3'"  . DC  A 1 10 ? 1.522   3.555   14.843  1.00 0.00 ? 10 DC  A "C3'"  1 
ATOM   302 O "O3'"  . DC  A 1 10 ? 0.397   3.408   15.717  1.00 0.00 ? 10 DC  A "O3'"  1 
ATOM   303 C "C2'"  . DC  A 1 10 ? 2.303   2.269   14.554  1.00 0.00 ? 10 DC  A "C2'"  1 
ATOM   304 C "C1'"  . DC  A 1 10 ? 1.710   1.762   13.235  1.00 0.00 ? 10 DC  A "C1'"  1 
ATOM   305 N N1     . DC  A 1 10 ? 2.709   0.999   12.417  1.00 0.00 ? 10 DC  A N1     1 
ATOM   306 C C2     . DC  A 1 10 ? 2.405   -0.279  11.952  1.00 0.00 ? 10 DC  A C2     1 
ATOM   307 O O2     . DC  A 1 10 ? 1.317   -0.817  12.198  1.00 0.00 ? 10 DC  A O2     1 
ATOM   308 N N3     . DC  A 1 10 ? 3.332   -1.014  11.275  1.00 0.00 ? 10 DC  A N3     1 
ATOM   309 C C4     . DC  A 1 10 ? 4.510   -0.487  11.035  1.00 0.00 ? 10 DC  A C4     1 
ATOM   310 N N4     . DC  A 1 10 ? 5.400   -1.260  10.486  1.00 0.00 ? 10 DC  A N4     1 
ATOM   311 C C5     . DC  A 1 10 ? 4.857   0.835   11.454  1.00 0.00 ? 10 DC  A C5     1 
ATOM   312 C C6     . DC  A 1 10 ? 3.936   1.542   12.128  1.00 0.00 ? 10 DC  A C6     1 
ATOM   313 H "H5'"  . DC  A 1 10 ? 1.206   5.395   11.892  1.00 0.00 ? 10 DC  A "H5'"  1 
ATOM   314 H "H5''" . DC  A 1 10 ? 0.777   6.059   13.476  1.00 0.00 ? 10 DC  A "H5''" 1 
ATOM   315 H "H4'"  . DC  A 1 10 ? -0.110  3.920   13.485  1.00 0.00 ? 10 DC  A "H4'"  1 
ATOM   316 H "H3'"  . DC  A 1 10 ? 2.198   4.312   15.237  1.00 0.00 ? 10 DC  A "H3'"  1 
ATOM   317 H "H2'"  . DC  A 1 10 ? 3.356   2.509   14.408  1.00 0.00 ? 10 DC  A "H2'"  1 
ATOM   318 H "H2''" . DC  A 1 10 ? 2.184   1.543   15.360  1.00 0.00 ? 10 DC  A "H2''" 1 
ATOM   319 H "H1'"  . DC  A 1 10 ? 0.852   1.145   13.503  1.00 0.00 ? 10 DC  A "H1'"  1 
ATOM   320 H H41    . DC  A 1 10 ? 6.331   -0.917  10.297  1.00 0.00 ? 10 DC  A H41    1 
ATOM   321 H H42    . DC  A 1 10 ? 5.103   -2.162  10.143  1.00 0.00 ? 10 DC  A H42    1 
ATOM   322 H H5     . DC  A 1 10 ? 5.825   1.275   11.270  1.00 0.00 ? 10 DC  A H5     1 
ATOM   323 H H6     . DC  A 1 10 ? 4.171   2.558   12.406  1.00 0.00 ? 10 DC  A H6     1 
ATOM   324 P P      . DT  A 1 11 ? 0.489   3.120   17.281  1.00 0.00 ? 11 DT  A P      1 
ATOM   325 O OP1    . DT  A 1 11 ? -0.820  3.448   17.911  1.00 0.00 ? 11 DT  A OP1    1 
ATOM   326 O OP2    . DT  A 1 11 ? 1.736   3.747   17.818  1.00 0.00 ? 11 DT  A OP2    1 
ATOM   327 O "O5'"  . DT  A 1 11 ? 0.677   1.510   17.312  1.00 0.00 ? 11 DT  A "O5'"  1 
ATOM   328 C "C5'"  . DT  A 1 11 ? -0.337  0.629   16.836  1.00 0.00 ? 11 DT  A "C5'"  1 
ATOM   329 C "C4'"  . DT  A 1 11 ? 0.143   -0.816  16.631  1.00 0.00 ? 11 DT  A "C4'"  1 
ATOM   330 O "O4'"  . DT  A 1 11 ? 0.923   -0.936  15.450  1.00 0.00 ? 11 DT  A "O4'"  1 
ATOM   331 C "C3'"  . DT  A 1 11 ? 1.020   -1.333  17.758  1.00 0.00 ? 11 DT  A "C3'"  1 
ATOM   332 O "O3'"  . DT  A 1 11 ? 0.253   -1.822  18.859  1.00 0.00 ? 11 DT  A "O3'"  1 
ATOM   333 C "C2'"  . DT  A 1 11 ? 1.850   -2.401  17.061  1.00 0.00 ? 11 DT  A "C2'"  1 
ATOM   334 C "C1'"  . DT  A 1 11 ? 1.619   -2.176  15.567  1.00 0.00 ? 11 DT  A "C1'"  1 
ATOM   335 N N1     . DT  A 1 11 ? 2.930   -2.126  14.823  1.00 0.00 ? 11 DT  A N1     1 
ATOM   336 C C2     . DT  A 1 11 ? 3.319   -3.261  14.105  1.00 0.00 ? 11 DT  A C2     1 
ATOM   337 O O2     . DT  A 1 11 ? 2.621   -4.286  13.980  1.00 0.00 ? 11 DT  A O2     1 
ATOM   338 N N3     . DT  A 1 11 ? 4.600   -3.247  13.618  1.00 0.00 ? 11 DT  A N3     1 
ATOM   339 C C4     . DT  A 1 11 ? 5.516   -2.234  13.733  1.00 0.00 ? 11 DT  A C4     1 
ATOM   340 O O4     . DT  A 1 11 ? 6.630   -2.411  13.217  1.00 0.00 ? 11 DT  A O4     1 
ATOM   341 C C5     . DT  A 1 11 ? 5.052   -1.069  14.511  1.00 0.00 ? 11 DT  A C5     1 
ATOM   342 C C7     . DT  A 1 11 ? 5.991   0.084   14.789  1.00 0.00 ? 11 DT  A C7     1 
ATOM   343 C C6     . DT  A 1 11 ? 3.788   -1.055  15.010  1.00 0.00 ? 11 DT  A C6     1 
ATOM   344 H "H5'"  . DT  A 1 11 ? -0.713  0.985   15.877  1.00 0.00 ? 11 DT  A "H5'"  1 
ATOM   345 H "H5''" . DT  A 1 11 ? -1.174  0.613   17.535  1.00 0.00 ? 11 DT  A "H5''" 1 
ATOM   346 H "H4'"  . DT  A 1 11 ? -0.712  -1.483  16.532  1.00 0.00 ? 11 DT  A "H4'"  1 
ATOM   347 H "H3'"  . DT  A 1 11 ? 1.685   -0.523  18.056  1.00 0.00 ? 11 DT  A "H3'"  1 
ATOM   348 H "H2'"  . DT  A 1 11 ? 2.890   -2.214  17.328  1.00 0.00 ? 11 DT  A "H2'"  1 
ATOM   349 H "H2''" . DT  A 1 11 ? 1.549   -3.418  17.315  1.00 0.00 ? 11 DT  A "H2''" 1 
ATOM   350 H "H1'"  . DT  A 1 11 ? 1.002   -2.991  15.189  1.00 0.00 ? 11 DT  A "H1'"  1 
ATOM   351 H H3     . DT  A 1 11 ? 4.886   -4.083  13.128  1.00 0.00 ? 11 DT  A H3     1 
ATOM   352 H H71    . DT  A 1 11 ? 5.440   0.911   15.236  1.00 0.00 ? 11 DT  A H71    1 
ATOM   353 H H72    . DT  A 1 11 ? 6.767   -0.227  15.489  1.00 0.00 ? 11 DT  A H72    1 
ATOM   354 H H73    . DT  A 1 11 ? 6.485   0.383   13.864  1.00 0.00 ? 11 DT  A H73    1 
ATOM   355 H H6     . DT  A 1 11 ? 3.424   -0.217  15.585  1.00 0.00 ? 11 DT  A H6     1 
ATOM   356 P P      . DC  A 1 12 ? 0.906   -2.309  20.259  1.00 0.00 ? 12 DC  A P      1 
ATOM   357 O OP1    . DC  A 1 12 ? -0.164  -2.276  21.284  1.00 0.00 ? 12 DC  A OP1    1 
ATOM   358 O OP2    . DC  A 1 12 ? 2.157   -1.542  20.498  1.00 0.00 ? 12 DC  A OP2    1 
ATOM   359 O "O5'"  . DC  A 1 12 ? 1.288   -3.844  19.948  1.00 0.00 ? 12 DC  A "O5'"  1 
ATOM   360 C "C5'"  . DC  A 1 12 ? 0.288   -4.851  19.760  1.00 0.00 ? 12 DC  A "C5'"  1 
ATOM   361 C "C4'"  . DC  A 1 12 ? 0.816   -6.090  19.018  1.00 0.00 ? 12 DC  A "C4'"  1 
ATOM   362 O "O4'"  . DC  A 1 12 ? 1.289   -5.700  17.730  1.00 0.00 ? 12 DC  A "O4'"  1 
ATOM   363 C "C3'"  . DC  A 1 12 ? 1.977   -6.822  19.694  1.00 0.00 ? 12 DC  A "C3'"  1 
ATOM   364 O "O3'"  . DC  A 1 12 ? 1.542   -7.744  20.691  1.00 0.00 ? 12 DC  A "O3'"  1 
ATOM   365 C "C2'"  . DC  A 1 12 ? 2.551   -7.547  18.471  1.00 0.00 ? 12 DC  A "C2'"  1 
ATOM   366 C "C1'"  . DC  A 1 12 ? 2.332   -6.565  17.306  1.00 0.00 ? 12 DC  A "C1'"  1 
ATOM   367 N N1     . DC  A 1 12 ? 3.588   -5.821  16.990  1.00 0.00 ? 12 DC  A N1     1 
ATOM   368 C C2     . DC  A 1 12 ? 4.426   -6.362  15.993  1.00 0.00 ? 12 DC  A C2     1 
ATOM   369 O O2     . DC  A 1 12 ? 4.126   -7.366  15.339  1.00 0.00 ? 12 DC  A O2     1 
ATOM   370 N N3     . DC  A 1 12 ? 5.631   -5.818  15.735  1.00 0.00 ? 12 DC  A N3     1 
ATOM   371 C C4     . DC  A 1 12 ? 6.013   -4.769  16.435  1.00 0.00 ? 12 DC  A C4     1 
ATOM   372 N N4     . DC  A 1 12 ? 7.206   -4.328  16.125  1.00 0.00 ? 12 DC  A N4     1 
ATOM   373 C C5     . DC  A 1 12 ? 5.242   -4.208  17.489  1.00 0.00 ? 12 DC  A C5     1 
ATOM   374 C C6     . DC  A 1 12 ? 4.038   -4.775  17.756  1.00 0.00 ? 12 DC  A C6     1 
ATOM   375 H "H5'"  . DC  A 1 12 ? -0.529  -4.430  19.173  1.00 0.00 ? 12 DC  A "H5'"  1 
ATOM   376 H "H5''" . DC  A 1 12 ? -0.097  -5.129  20.741  1.00 0.00 ? 12 DC  A "H5''" 1 
ATOM   377 H "H4'"  . DC  A 1 12 ? -0.024  -6.776  18.917  1.00 0.00 ? 12 DC  A "H4'"  1 
ATOM   378 H "H3'"  . DC  A 1 12 ? 2.687   -6.085  20.068  1.00 0.00 ? 12 DC  A "H3'"  1 
ATOM   379 H "HO3'" . DC  A 1 12 ? 2.294   -8.253  21.001  1.00 0.00 ? 12 DC  A "HO3'" 1 
ATOM   380 H "H2'"  . DC  A 1 12 ? 3.606   -7.786  18.605  1.00 0.00 ? 12 DC  A "H2'"  1 
ATOM   381 H "H2''" . DC  A 1 12 ? 1.977   -8.456  18.286  1.00 0.00 ? 12 DC  A "H2''" 1 
ATOM   382 H "H1'"  . DC  A 1 12 ? 1.999   -7.073  16.401  1.00 0.00 ? 12 DC  A "H1'"  1 
ATOM   383 H H41    . DC  A 1 12 ? 7.605   -3.565  16.655  1.00 0.00 ? 12 DC  A H41    1 
ATOM   384 H H42    . DC  A 1 12 ? 7.673   -4.760  15.341  1.00 0.00 ? 12 DC  A H42    1 
ATOM   385 H H5     . DC  A 1 12 ? 5.587   -3.371  18.078  1.00 0.00 ? 12 DC  A H5     1 
ATOM   386 H H6     . DC  A 1 12 ? 3.411   -4.394  18.550  1.00 0.00 ? 12 DC  A H6     1 
ATOM   387 O "O5'"  . DG  B 1 1  ? 13.341  -10.372 10.306  1.00 0.00 ? 13 DG  B "O5'"  1 
ATOM   388 C "C5'"  . DG  B 1 1  ? 13.197  -11.683 10.833  1.00 0.00 ? 13 DG  B "C5'"  1 
ATOM   389 C "C4'"  . DG  B 1 1  ? 11.767  -12.229 10.800  1.00 0.00 ? 13 DG  B "C4'"  1 
ATOM   390 O "O4'"  . DG  B 1 1  ? 10.920  -11.560 11.748  1.00 0.00 ? 13 DG  B "O4'"  1 
ATOM   391 C "C3'"  . DG  B 1 1  ? 11.107  -12.111 9.414   1.00 0.00 ? 13 DG  B "C3'"  1 
ATOM   392 O "O3'"  . DG  B 1 1  ? 10.318  -13.276 9.231   1.00 0.00 ? 13 DG  B "O3'"  1 
ATOM   393 C "C2'"  . DG  B 1 1  ? 10.296  -10.835 9.555   1.00 0.00 ? 13 DG  B "C2'"  1 
ATOM   394 C "C1'"  . DG  B 1 1  ? 9.940   -10.804 11.037  1.00 0.00 ? 13 DG  B "C1'"  1 
ATOM   395 N N9     . DG  B 1 1  ? 9.889   -9.412  11.563  1.00 0.00 ? 13 DG  B N9     1 
ATOM   396 C C8     . DG  B 1 1  ? 10.808  -8.401  11.399  1.00 0.00 ? 13 DG  B C8     1 
ATOM   397 N N7     . DG  B 1 1  ? 10.514  -7.299  12.026  1.00 0.00 ? 13 DG  B N7     1 
ATOM   398 C C5     . DG  B 1 1  ? 9.290   -7.592  12.668  1.00 0.00 ? 13 DG  B C5     1 
ATOM   399 C C6     . DG  B 1 1  ? 8.447   -6.827  13.573  1.00 0.00 ? 13 DG  B C6     1 
ATOM   400 O O6     . DG  B 1 1  ? 8.617   -5.677  14.004  1.00 0.00 ? 13 DG  B O6     1 
ATOM   401 N N1     . DG  B 1 1  ? 7.320   -7.503  14.012  1.00 0.00 ? 13 DG  B N1     1 
ATOM   402 C C2     . DG  B 1 1  ? 7.040   -8.780  13.666  1.00 0.00 ? 13 DG  B C2     1 
ATOM   403 N N2     . DG  B 1 1  ? 5.949   -9.300  14.153  1.00 0.00 ? 13 DG  B N2     1 
ATOM   404 N N3     . DG  B 1 1  ? 7.795   -9.538  12.856  1.00 0.00 ? 13 DG  B N3     1 
ATOM   405 C C4     . DG  B 1 1  ? 8.915   -8.898  12.400  1.00 0.00 ? 13 DG  B C4     1 
ATOM   406 H "H5'"  . DG  B 1 1  ? 13.520  -11.698 11.873  1.00 0.00 ? 13 DG  B "H5'"  1 
ATOM   407 H "H5''" . DG  B 1 1  ? 13.818  -12.369 10.257  1.00 0.00 ? 13 DG  B "H5''" 1 
ATOM   408 H "H4'"  . DG  B 1 1  ? 11.856  -13.287 11.047  1.00 0.00 ? 13 DG  B "H4'"  1 
ATOM   409 H "H3'"  . DG  B 1 1  ? 11.850  -12.020 8.623   1.00 0.00 ? 13 DG  B "H3'"  1 
ATOM   410 H "H2'"  . DG  B 1 1  ? 10.924  -9.995  9.255   1.00 0.00 ? 13 DG  B "H2'"  1 
ATOM   411 H "H2''" . DG  B 1 1  ? 9.387   -10.851 8.953   1.00 0.00 ? 13 DG  B "H2''" 1 
ATOM   412 H "H1'"  . DG  B 1 1  ? 8.947   -11.242 11.135  1.00 0.00 ? 13 DG  B "H1'"  1 
ATOM   413 H H8     . DG  B 1 1  ? 11.714  -8.529  10.826  1.00 0.00 ? 13 DG  B H8     1 
ATOM   414 H H1     . DG  B 1 1  ? 6.665   -6.990  14.585  1.00 0.00 ? 13 DG  B H1     1 
ATOM   415 H H21    . DG  B 1 1  ? 5.719   -10.249 13.897  1.00 0.00 ? 13 DG  B H21    1 
ATOM   416 H H22    . DG  B 1 1  ? 5.288   -8.730  14.660  1.00 0.00 ? 13 DG  B H22    1 
ATOM   417 H "HO5'" . DG  B 1 1  ? 14.221  -10.050 10.514  1.00 0.00 ? 13 DG  B "HO5'" 1 
ATOM   418 P P      . DA  B 1 2  ? 9.439   -13.556 7.876   1.00 0.00 ? 14 DA  B P      1 
ATOM   419 O OP1    . DA  B 1 2  ? 9.216   -15.020 7.781   1.00 0.00 ? 14 DA  B OP1    1 
ATOM   420 O OP2    . DA  B 1 2  ? 10.103  -12.851 6.756   1.00 0.00 ? 14 DA  B OP2    1 
ATOM   421 O "O5'"  . DA  B 1 2  ? 8.044   -12.848 8.234   1.00 0.00 ? 14 DA  B "O5'"  1 
ATOM   422 C "C5'"  . DA  B 1 2  ? 7.198   -13.349 9.270   1.00 0.00 ? 14 DA  B "C5'"  1 
ATOM   423 C "C4'"  . DA  B 1 2  ? 6.059   -12.392 9.646   1.00 0.00 ? 14 DA  B "C4'"  1 
ATOM   424 O "O4'"  . DA  B 1 2  ? 6.538   -11.147 10.080  1.00 0.00 ? 14 DA  B "O4'"  1 
ATOM   425 C "C3'"  . DA  B 1 2  ? 5.033   -12.141 8.528   1.00 0.00 ? 14 DA  B "C3'"  1 
ATOM   426 O "O3'"  . DA  B 1 2  ? 3.839   -12.858 8.795   1.00 0.00 ? 14 DA  B "O3'"  1 
ATOM   427 C "C2'"  . DA  B 1 2  ? 4.850   -10.619 8.573   1.00 0.00 ? 14 DA  B "C2'"  1 
ATOM   428 C "C1'"  . DA  B 1 2  ? 5.499   -10.217 9.897   1.00 0.00 ? 14 DA  B "C1'"  1 
ATOM   429 N N9     . DA  B 1 2  ? 6.030   -8.838  9.858   1.00 0.00 ? 14 DA  B N9     1 
ATOM   430 C C8     . DA  B 1 2  ? 7.103   -8.379  9.144   1.00 0.00 ? 14 DA  B C8     1 
ATOM   431 N N7     . DA  B 1 2  ? 7.447   -7.142  9.404   1.00 0.00 ? 14 DA  B N7     1 
ATOM   432 C C5     . DA  B 1 2  ? 6.510   -6.767  10.381  1.00 0.00 ? 14 DA  B C5     1 
ATOM   433 C C6     . DA  B 1 2  ? 6.316   -5.615  11.180  1.00 0.00 ? 14 DA  B C6     1 
ATOM   434 N N6     . DA  B 1 2  ? 7.102   -4.555  11.188  1.00 0.00 ? 14 DA  B N6     1 
ATOM   435 N N1     . DA  B 1 2  ? 5.337   -5.569  12.071  1.00 0.00 ? 14 DA  B N1     1 
ATOM   436 C C2     . DA  B 1 2  ? 4.526   -6.606  12.159  1.00 0.00 ? 14 DA  B C2     1 
ATOM   437 N N3     . DA  B 1 2  ? 4.576   -7.760  11.508  1.00 0.00 ? 14 DA  B N3     1 
ATOM   438 C C4     . DA  B 1 2  ? 5.621   -7.781  10.636  1.00 0.00 ? 14 DA  B C4     1 
ATOM   439 H "H5'"  . DA  B 1 2  ? 7.789   -13.490 10.175  1.00 0.00 ? 14 DA  B "H5'"  1 
ATOM   440 H "H5''" . DA  B 1 2  ? 6.771   -14.306 8.972   1.00 0.00 ? 14 DA  B "H5''" 1 
ATOM   441 H "H4'"  . DA  B 1 2  ? 5.531   -12.846 10.486  1.00 0.00 ? 14 DA  B "H4'"  1 
ATOM   442 H "H3'"  . DA  B 1 2  ? 5.445   -12.403 7.554   1.00 0.00 ? 14 DA  B "H3'"  1 
ATOM   443 H "H2'"  . DA  B 1 2  ? 5.410   -10.190 7.742   1.00 0.00 ? 14 DA  B "H2'"  1 
ATOM   444 H "H2''" . DA  B 1 2  ? 3.799   -10.331 8.515   1.00 0.00 ? 14 DA  B "H2''" 1 
ATOM   445 H "H1'"  . DA  B 1 2  ? 4.756   -10.279 10.692  1.00 0.00 ? 14 DA  B "H1'"  1 
ATOM   446 H H8     . DA  B 1 2  ? 7.588   -8.989  8.397   1.00 0.00 ? 14 DA  B H8     1 
ATOM   447 H H61    . DA  B 1 2  ? 7.866   -4.507  10.529  1.00 0.00 ? 14 DA  B H61    1 
ATOM   448 H H62    . DA  B 1 2  ? 6.916   -3.823  11.858  1.00 0.00 ? 14 DA  B H62    1 
ATOM   449 H H2     . DA  B 1 2  ? 3.731   -6.518  12.884  1.00 0.00 ? 14 DA  B H2     1 
ATOM   450 P P      . DG  B 1 3  ? 2.596   -12.913 7.737   1.00 0.00 ? 15 DG  B P      1 
ATOM   451 O OP1    . DG  B 1 3  ? 1.848   -14.174 7.934   1.00 0.00 ? 15 DG  B OP1    1 
ATOM   452 O OP2    . DG  B 1 3  ? 3.097   -12.574 6.378   1.00 0.00 ? 15 DG  B OP2    1 
ATOM   453 O "O5'"  . DG  B 1 3  ? 1.668   -11.720 8.251   1.00 0.00 ? 15 DG  B "O5'"  1 
ATOM   454 C "C5'"  . DG  B 1 3  ? 1.022   -11.778 9.512   1.00 0.00 ? 15 DG  B "C5'"  1 
ATOM   455 C "C4'"  . DG  B 1 3  ? 0.205   -10.506 9.822   1.00 0.00 ? 15 DG  B "C4'"  1 
ATOM   456 O "O4'"  . DG  B 1 3  ? 1.042   -9.385  10.096  1.00 0.00 ? 15 DG  B "O4'"  1 
ATOM   457 C "C3'"  . DG  B 1 3  ? -0.735  -10.157 8.667   1.00 0.00 ? 15 DG  B "C3'"  1 
ATOM   458 O "O3'"  . DG  B 1 3  ? -2.019  -9.818  9.172   1.00 0.00 ? 15 DG  B "O3'"  1 
ATOM   459 C "C2'"  . DG  B 1 3  ? -0.032  -8.918  8.053   1.00 0.00 ? 15 DG  B "C2'"  1 
ATOM   460 C "C1'"  . DG  B 1 3  ? 0.590   -8.293  9.296   1.00 0.00 ? 15 DG  B "C1'"  1 
ATOM   461 N N9     . DG  B 1 3  ? 1.675   -7.334  8.998   1.00 0.00 ? 15 DG  B N9     1 
ATOM   462 C C8     . DG  B 1 3  ? 2.757   -7.479  8.155   1.00 0.00 ? 15 DG  B C8     1 
ATOM   463 N N7     . DG  B 1 3  ? 3.616   -6.498  8.229   1.00 0.00 ? 15 DG  B N7     1 
ATOM   464 C C5     . DG  B 1 3  ? 3.001   -5.595  9.127   1.00 0.00 ? 15 DG  B C5     1 
ATOM   465 C C6     . DG  B 1 3  ? 3.412   -4.290  9.610   1.00 0.00 ? 15 DG  B C6     1 
ATOM   466 O O6     . DG  B 1 3  ? 4.429   -3.656  9.378   1.00 0.00 ? 15 DG  B O6     1 
ATOM   467 N N1     . DG  B 1 3  ? 2.505   -3.692  10.474  1.00 0.00 ? 15 DG  B N1     1 
ATOM   468 C C2     . DG  B 1 3  ? 1.351   -4.282  10.865  1.00 0.00 ? 15 DG  B C2     1 
ATOM   469 N N2     . DG  B 1 3  ? 0.523   -3.559  11.589  1.00 0.00 ? 15 DG  B N2     1 
ATOM   470 N N3     . DG  B 1 3  ? 0.930   -5.479  10.455  1.00 0.00 ? 15 DG  B N3     1 
ATOM   471 C C4     . DG  B 1 3  ? 1.794   -6.087  9.575   1.00 0.00 ? 15 DG  B C4     1 
ATOM   472 H "H5'"  . DG  B 1 3  ? 1.777   -11.939 10.281  1.00 0.00 ? 15 DG  B "H5'"  1 
ATOM   473 H "H5''" . DG  B 1 3  ? 0.367   -12.649 9.547   1.00 0.00 ? 15 DG  B "H5''" 1 
ATOM   474 H "H4'"  . DG  B 1 3  ? -0.380  -10.696 10.722  1.00 0.00 ? 15 DG  B "H4'"  1 
ATOM   475 H "H3'"  . DG  B 1 3  ? -0.822  -10.953 7.928   1.00 0.00 ? 15 DG  B "H3'"  1 
ATOM   476 H "H2'"  . DG  B 1 3  ? 0.730   -9.223  7.334   1.00 0.00 ? 15 DG  B "H2'"  1 
ATOM   477 H "H2''" . DG  B 1 3  ? -0.743  -8.245  7.575   1.00 0.00 ? 15 DG  B "H2''" 1 
ATOM   478 H "H1'"  . DG  B 1 3  ? -0.214  -7.774  9.818   1.00 0.00 ? 15 DG  B "H1'"  1 
ATOM   479 H H8     . DG  B 1 3  ? 2.900   -8.358  7.544   1.00 0.00 ? 15 DG  B H8     1 
ATOM   480 H H1     . DG  B 1 3  ? 2.751   -2.768  10.800  1.00 0.00 ? 15 DG  B H1     1 
ATOM   481 H H21    . DG  B 1 3  ? -0.350  -3.988  11.860  1.00 0.00 ? 15 DG  B H21    1 
ATOM   482 H H22    . DG  B 1 3  ? 0.739   -2.604  11.837  1.00 0.00 ? 15 DG  B H22    1 
ATOM   483 P P      . DA  B 1 4  ? -3.285  -9.552  8.242   1.00 0.00 ? 16 DA  B P      1 
ATOM   484 O OP1    . DA  B 1 4  ? -4.422  -10.339 8.780   1.00 0.00 ? 16 DA  B OP1    1 
ATOM   485 O OP2    . DA  B 1 4  ? -2.894  -9.747  6.831   1.00 0.00 ? 16 DA  B OP2    1 
ATOM   486 O "O5'"  . DA  B 1 4  ? -3.549  -7.980  8.444   1.00 0.00 ? 16 DA  B "O5'"  1 
ATOM   487 C "C5'"  . DA  B 1 4  ? -4.070  -7.474  9.664   1.00 0.00 ? 16 DA  B "C5'"  1 
ATOM   488 C "C4'"  . DA  B 1 4  ? -4.469  -5.994  9.629   1.00 0.00 ? 16 DA  B "C4'"  1 
ATOM   489 O "O4'"  . DA  B 1 4  ? -3.318  -5.136  9.635   1.00 0.00 ? 16 DA  B "O4'"  1 
ATOM   490 C "C3'"  . DA  B 1 4  ? -5.342  -5.648  8.395   1.00 0.00 ? 16 DA  B "C3'"  1 
ATOM   491 O "O3'"  . DA  B 1 4  ? -6.412  -4.797  8.832   1.00 0.00 ? 16 DA  B "O3'"  1 
ATOM   492 C "C2'"  . DA  B 1 4  ? -4.294  -5.019  7.485   1.00 0.00 ? 16 DA  B "C2'"  1 
ATOM   493 C "C1'"  . DA  B 1 4  ? -3.308  -4.371  8.445   1.00 0.00 ? 16 DA  B "C1'"  1 
ATOM   494 N N9     . DA  B 1 4  ? -1.906  -4.339  7.963   1.00 0.00 ? 16 DA  B N9     1 
ATOM   495 C C8     . DA  B 1 4  ? -1.224  -5.263  7.196   1.00 0.00 ? 16 DA  B C8     1 
ATOM   496 N N7     . DA  B 1 4  ? -0.014  -4.900  6.853   1.00 0.00 ? 16 DA  B N7     1 
ATOM   497 C C5     . DA  B 1 4  ? 0.116   -3.653  7.485   1.00 0.00 ? 16 DA  B C5     1 
ATOM   498 C C6     . DA  B 1 4  ? 1.136   -2.666  7.512   1.00 0.00 ? 16 DA  B C6     1 
ATOM   499 N N6     . DA  B 1 4  ? 2.315   -2.809  6.914   1.00 0.00 ? 16 DA  B N6     1 
ATOM   500 N N1     . DA  B 1 4  ? 0.966   -1.519  8.150   1.00 0.00 ? 16 DA  B N1     1 
ATOM   501 C C2     . DA  B 1 4  ? -0.172  -1.331  8.803   1.00 0.00 ? 16 DA  B C2     1 
ATOM   502 N N3     . DA  B 1 4  ? -1.245  -2.134  8.835   1.00 0.00 ? 16 DA  B N3     1 
ATOM   503 C C4     . DA  B 1 4  ? -1.017  -3.301  8.170   1.00 0.00 ? 16 DA  B C4     1 
ATOM   504 H "H5'"  . DA  B 1 4  ? -3.358  -7.619  10.476  1.00 0.00 ? 16 DA  B "H5'"  1 
ATOM   505 H "H5''" . DA  B 1 4  ? -4.967  -8.043  9.907   1.00 0.00 ? 16 DA  B "H5''" 1 
ATOM   506 H "H4'"  . DA  B 1 4  ? -5.049  -5.806  10.533  1.00 0.00 ? 16 DA  B "H4'"  1 
ATOM   507 H "H3'"  . DA  B 1 4  ? -5.740  -6.546  7.922   1.00 0.00 ? 16 DA  B "H3'"  1 
ATOM   508 H "H2'"  . DA  B 1 4  ? -3.821  -5.806  6.898   1.00 0.00 ? 16 DA  B "H2'"  1 
ATOM   509 H "H2''" . DA  B 1 4  ? -4.735  -4.305  6.789   1.00 0.00 ? 16 DA  B "H2''" 1 
ATOM   510 H "H1'"  . DA  B 1 4  ? -3.652  -3.349  8.604   1.00 0.00 ? 16 DA  B "H1'"  1 
ATOM   511 H H8     . DA  B 1 4  ? -1.665  -6.205  6.904   1.00 0.00 ? 16 DA  B H8     1 
ATOM   512 H H61    . DA  B 1 4  ? 2.489   -3.633  6.356   1.00 0.00 ? 16 DA  B H61    1 
ATOM   513 H H62    . DA  B 1 4  ? 3.047   -2.116  6.983   1.00 0.00 ? 16 DA  B H62    1 
ATOM   514 H H2     . DA  B 1 4  ? -0.274  -0.392  9.328   1.00 0.00 ? 16 DA  B H2     1 
HETATM 515 P P      . 2LA B 1 5  ? -7.488  -4.111  7.829   1.00 0.00 ? 17 2LA B P      1 
HETATM 516 N N1     . 2LA B 1 5  ? 0.505   0.475   5.085   1.00 0.00 ? 17 2LA B N1     1 
HETATM 517 C C2     . 2LA B 1 5  ? -0.239  1.350   5.778   1.00 0.00 ? 17 2LA B C2     1 
HETATM 518 N N2     . 2LA B 1 5  ? 0.229   2.565   5.889   1.00 0.00 ? 17 2LA B N2     1 
HETATM 519 N N3     . 2LA B 1 5  ? -1.433  1.119   6.276   1.00 0.00 ? 17 2LA B N3     1 
HETATM 520 C C4     . 2LA B 1 5  ? -1.868  -0.115  5.970   1.00 0.00 ? 17 2LA B C4     1 
HETATM 521 C C5     . 2LA B 1 5  ? -1.215  -1.066  5.233   1.00 0.00 ? 17 2LA B C5     1 
HETATM 522 C C6     . 2LA B 1 5  ? 0.095   -0.773  4.749   1.00 0.00 ? 17 2LA B C6     1 
HETATM 523 O O6     . 2LA B 1 5  ? 0.858   -1.490  4.115   1.00 0.00 ? 17 2LA B O6     1 
HETATM 524 C C7     . 2LA B 1 5  ? -1.972  -2.253  5.044   1.00 0.00 ? 17 2LA B C7     1 
HETATM 525 C C8     . 2LA B 1 5  ? -3.131  -1.890  5.707   1.00 0.00 ? 17 2LA B C8     1 
HETATM 526 N N9     . 2LA B 1 5  ? -3.096  -0.647  6.282   1.00 0.00 ? 17 2LA B N9     1 
HETATM 527 C "C1'"  . 2LA B 1 5  ? -4.158  0.028   7.047   1.00 0.00 ? 17 2LA B "C1'"  1 
HETATM 528 C C10    . 2LA B 1 5  ? -1.855  -3.564  4.285   1.00 0.00 ? 17 2LA B C10    1 
HETATM 529 N N11    . 2LA B 1 5  ? -0.453  -3.972  3.998   1.00 0.00 ? 17 2LA B N11    1 
HETATM 530 O OP1    . 2LA B 1 5  ? -8.770  -3.976  8.555   1.00 0.00 ? 17 2LA B OP1    1 
HETATM 531 C "C2'"  . 2LA B 1 5  ? -5.327  0.397   6.145   1.00 0.00 ? 17 2LA B "C2'"  1 
HETATM 532 O OP2    . 2LA B 1 5  ? -7.480  -4.851  6.541   1.00 0.00 ? 17 2LA B OP2    1 
HETATM 533 C "C3'"  . 2LA B 1 5  ? -6.549  0.306   7.066   1.00 0.00 ? 17 2LA B "C3'"  1 
HETATM 534 O "O3'"  . 2LA B 1 5  ? -6.999  1.585   7.519   1.00 0.00 ? 17 2LA B "O3'"  1 
HETATM 535 C "C4'"  . 2LA B 1 5  ? -6.010  -0.467  8.286   1.00 0.00 ? 17 2LA B "C4'"  1 
HETATM 536 O "O4'"  . 2LA B 1 5  ? -4.659  -0.826  8.062   1.00 0.00 ? 17 2LA B "O4'"  1 
HETATM 537 C "C5'"  . 2LA B 1 5  ? -6.809  -1.706  8.635   1.00 0.00 ? 17 2LA B "C5'"  1 
HETATM 538 O "O5'"  . 2LA B 1 5  ? -6.850  -2.651  7.594   1.00 0.00 ? 17 2LA B "O5'"  1 
HETATM 539 H H1N1   . 2LA B 1 5  ? 1.446   0.719   4.808   1.00 0.00 ? 17 2LA B H1N1   1 
HETATM 540 H H8     . 2LA B 1 5  ? -3.975  -2.559  5.776   1.00 0.00 ? 17 2LA B H8     1 
HETATM 541 H H10    . 2LA B 1 5  ? -2.364  -4.342  4.854   1.00 0.00 ? 17 2LA B H10    1 
HETATM 542 H H10A   . 2LA B 1 5  ? -2.424  -3.448  3.363   1.00 0.00 ? 17 2LA B H10A   1 
HETATM 543 H "H1'"  . 2LA B 1 5  ? -3.763  0.927   7.519   1.00 0.00 ? 17 2LA B "H1'"  1 
HETATM 544 H HN11   . 2LA B 1 5  ? -0.428  -4.694  3.292   1.00 0.00 ? 17 2LA B HN11   1 
HETATM 545 H HN1A   . 2LA B 1 5  ? -0.035  -4.328  4.846   1.00 0.00 ? 17 2LA B HN1A   1 
HETATM 546 H "H12'" . 2LA B 1 5  ? -5.439  -0.325  5.337   1.00 0.00 ? 17 2LA B "H12'" 1 
HETATM 547 H "H22'" . 2LA B 1 5  ? -5.168  1.391   5.727   1.00 0.00 ? 17 2LA B "H22'" 1 
HETATM 548 H HN2    . 2LA B 1 5  ? -0.309  3.241   6.414   1.00 0.00 ? 17 2LA B HN2    1 
HETATM 549 H HN2A   . 2LA B 1 5  ? 1.138   2.778   5.504   1.00 0.00 ? 17 2LA B HN2A   1 
HETATM 550 H "H3'"  . 2LA B 1 5  ? -7.333  -0.281  6.587   1.00 0.00 ? 17 2LA B "H3'"  1 
HETATM 551 H "H4'"  . 2LA B 1 5  ? -6.076  0.220   9.130   1.00 0.00 ? 17 2LA B "H4'"  1 
HETATM 552 H "H15'" . 2LA B 1 5  ? -6.323  -2.171  9.493   1.00 0.00 ? 17 2LA B "H15'" 1 
HETATM 553 H "H25'" . 2LA B 1 5  ? -7.829  -1.437  8.908   1.00 0.00 ? 17 2LA B "H25'" 1 
HETATM 554 H H111   . 2LA B 1 5  ? 0.089   -3.184  3.672   1.00 0.00 ? 17 2LA B H111   1 
ATOM   555 P P      . DC  B 1 6  ? -7.826  2.591   6.569   1.00 0.00 ? 18 DC  B P      1 
ATOM   556 O OP1    . DC  B 1 6  ? -8.565  3.542   7.442   1.00 0.00 ? 18 DC  B OP1    1 
ATOM   557 O OP2    . DC  B 1 6  ? -8.582  1.811   5.548   1.00 0.00 ? 18 DC  B OP2    1 
ATOM   558 O "O5'"  . DC  B 1 6  ? -6.628  3.380   5.838   1.00 0.00 ? 18 DC  B "O5'"  1 
ATOM   559 C "C5'"  . DC  B 1 6  ? -5.730  4.224   6.564   1.00 0.00 ? 18 DC  B "C5'"  1 
ATOM   560 C "C4'"  . DC  B 1 6  ? -4.640  4.845   5.689   1.00 0.00 ? 18 DC  B "C4'"  1 
ATOM   561 O "O4'"  . DC  B 1 6  ? -3.706  3.840   5.291   1.00 0.00 ? 18 DC  B "O4'"  1 
ATOM   562 C "C3'"  . DC  B 1 6  ? -5.135  5.570   4.411   1.00 0.00 ? 18 DC  B "C3'"  1 
ATOM   563 O "O3'"  . DC  B 1 6  ? -4.743  6.950   4.484   1.00 0.00 ? 18 DC  B "O3'"  1 
ATOM   564 C "C2'"  . DC  B 1 6  ? -4.461  4.803   3.270   1.00 0.00 ? 18 DC  B "C2'"  1 
ATOM   565 C "C1'"  . DC  B 1 6  ? -3.283  4.110   3.956   1.00 0.00 ? 18 DC  B "C1'"  1 
ATOM   566 N N1     . DC  B 1 6  ? -2.899  2.837   3.294   1.00 0.00 ? 18 DC  B N1     1 
ATOM   567 C C2     . DC  B 1 6  ? -1.589  2.655   2.838   1.00 0.00 ? 18 DC  B C2     1 
ATOM   568 O O2     . DC  B 1 6  ? -0.743  3.542   2.852   1.00 0.00 ? 18 DC  B O2     1 
ATOM   569 N N3     . DC  B 1 6  ? -1.210  1.465   2.331   1.00 0.00 ? 18 DC  B N3     1 
ATOM   570 C C4     . DC  B 1 6  ? -2.084  0.483   2.278   1.00 0.00 ? 18 DC  B C4     1 
ATOM   571 N N4     . DC  B 1 6  ? -1.655  -0.629  1.762   1.00 0.00 ? 18 DC  B N4     1 
ATOM   572 C C5     . DC  B 1 6  ? -3.426  0.630   2.688   1.00 0.00 ? 18 DC  B C5     1 
ATOM   573 C C6     . DC  B 1 6  ? -3.795  1.824   3.200   1.00 0.00 ? 18 DC  B C6     1 
ATOM   574 H "H5'"  . DC  B 1 6  ? -5.257  3.683   7.383   1.00 0.00 ? 18 DC  B "H5'"  1 
ATOM   575 H "H5''" . DC  B 1 6  ? -6.292  5.059   6.981   1.00 0.00 ? 18 DC  B "H5''" 1 
ATOM   576 H "H4'"  . DC  B 1 6  ? -4.085  5.564   6.289   1.00 0.00 ? 18 DC  B "H4'"  1 
ATOM   577 H "H3'"  . DC  B 1 6  ? -6.219  5.482   4.332   1.00 0.00 ? 18 DC  B "H3'"  1 
ATOM   578 H "H2'"  . DC  B 1 6  ? -5.129  4.044   2.864   1.00 0.00 ? 18 DC  B "H2'"  1 
ATOM   579 H "H2''" . DC  B 1 6  ? -4.116  5.410   2.433   1.00 0.00 ? 18 DC  B "H2''" 1 
ATOM   580 H "H1'"  . DC  B 1 6  ? -2.451  4.815   3.975   1.00 0.00 ? 18 DC  B "H1'"  1 
ATOM   581 H H41    . DC  B 1 6  ? -2.297  -1.386  1.574   1.00 0.00 ? 18 DC  B H41    1 
ATOM   582 H H42    . DC  B 1 6  ? -0.688  -0.649  1.474   1.00 0.00 ? 18 DC  B H42    1 
ATOM   583 H H5     . DC  B 1 6  ? -4.139  -0.181  2.657   1.00 0.00 ? 18 DC  B H5     1 
ATOM   584 H H6     . DC  B 1 6  ? -4.797  2.013   3.559   1.00 0.00 ? 18 DC  B H6     1 
ATOM   585 P P      . DG  B 1 7  ? -5.179  8.064   3.412   1.00 0.00 ? 19 DG  B P      1 
ATOM   586 O OP1    . DG  B 1 7  ? -5.194  9.379   4.102   1.00 0.00 ? 19 DG  B OP1    1 
ATOM   587 O OP2    . DG  B 1 7  ? -6.391  7.604   2.698   1.00 0.00 ? 19 DG  B OP2    1 
ATOM   588 O "O5'"  . DG  B 1 7  ? -3.938  8.041   2.390   1.00 0.00 ? 19 DG  B "O5'"  1 
ATOM   589 C "C5'"  . DG  B 1 7  ? -2.624  8.414   2.807   1.00 0.00 ? 19 DG  B "C5'"  1 
ATOM   590 C "C4'"  . DG  B 1 7  ? -1.553  8.232   1.735   1.00 0.00 ? 19 DG  B "C4'"  1 
ATOM   591 O "O4'"  . DG  B 1 7  ? -1.334  6.842   1.488   1.00 0.00 ? 19 DG  B "O4'"  1 
ATOM   592 C "C3'"  . DG  B 1 7  ? -1.891  8.908   0.397   1.00 0.00 ? 19 DG  B "C3'"  1 
ATOM   593 O "O3'"  . DG  B 1 7  ? -0.892  9.885   0.126   1.00 0.00 ? 19 DG  B "O3'"  1 
ATOM   594 C "C2'"  . DG  B 1 7  ? -1.935  7.742   -0.586  1.00 0.00 ? 19 DG  B "C2'"  1 
ATOM   595 C "C1'"  . DG  B 1 7  ? -1.098  6.668   0.094   1.00 0.00 ? 19 DG  B "C1'"  1 
ATOM   596 N N9     . DG  B 1 7  ? -1.468  5.280   -0.289  1.00 0.00 ? 19 DG  B N9     1 
ATOM   597 C C8     . DG  B 1 7  ? -2.682  4.655   -0.172  1.00 0.00 ? 19 DG  B C8     1 
ATOM   598 N N7     . DG  B 1 7  ? -2.665  3.387   -0.460  1.00 0.00 ? 19 DG  B N7     1 
ATOM   599 C C5     . DG  B 1 7  ? -1.331  3.148   -0.839  1.00 0.00 ? 19 DG  B C5     1 
ATOM   600 C C6     . DG  B 1 7  ? -0.653  1.959   -1.290  1.00 0.00 ? 19 DG  B C6     1 
ATOM   601 O O6     . DG  B 1 7  ? -1.067  0.809   -1.414  1.00 0.00 ? 19 DG  B O6     1 
ATOM   602 N N1     . DG  B 1 7  ? 0.667   2.180   -1.623  1.00 0.00 ? 19 DG  B N1     1 
ATOM   603 C C2     . DG  B 1 7  ? 1.287   3.387   -1.519  1.00 0.00 ? 19 DG  B C2     1 
ATOM   604 N N2     . DG  B 1 7  ? 2.550   3.472   -1.868  1.00 0.00 ? 19 DG  B N2     1 
ATOM   605 N N3     . DG  B 1 7  ? 0.697   4.518   -1.152  1.00 0.00 ? 19 DG  B N3     1 
ATOM   606 C C4     . DG  B 1 7  ? -0.617  4.326   -0.806  1.00 0.00 ? 19 DG  B C4     1 
ATOM   607 H "H5'"  . DG  B 1 7  ? -2.342  7.829   3.683   1.00 0.00 ? 19 DG  B "H5'"  1 
ATOM   608 H "H5''" . DG  B 1 7  ? -2.632  9.461   3.111   1.00 0.00 ? 19 DG  B "H5''" 1 
ATOM   609 H "H4'"  . DG  B 1 7  ? -0.630  8.672   2.112   1.00 0.00 ? 19 DG  B "H4'"  1 
ATOM   610 H "H3'"  . DG  B 1 7  ? -2.883  9.360   0.410   1.00 0.00 ? 19 DG  B "H3'"  1 
ATOM   611 H "H2'"  . DG  B 1 7  ? -2.974  7.427   -0.690  1.00 0.00 ? 19 DG  B "H2'"  1 
ATOM   612 H "H2''" . DG  B 1 7  ? -1.541  8.007   -1.568  1.00 0.00 ? 19 DG  B "H2''" 1 
ATOM   613 H "H1'"  . DG  B 1 7  ? -0.049  6.817   -0.160  1.00 0.00 ? 19 DG  B "H1'"  1 
ATOM   614 H H8     . DG  B 1 7  ? -3.557  5.191   0.162   1.00 0.00 ? 19 DG  B H8     1 
ATOM   615 H H1     . DG  B 1 7  ? 1.198   1.381   -1.938  1.00 0.00 ? 19 DG  B H1     1 
ATOM   616 H H21    . DG  B 1 7  ? 2.987   4.381   -1.906  1.00 0.00 ? 19 DG  B H21    1 
ATOM   617 H H22    . DG  B 1 7  ? 3.049   2.648   -2.173  1.00 0.00 ? 19 DG  B H22    1 
ATOM   618 P P      . DC  B 1 8  ? -0.960  10.919  -1.118  1.00 0.00 ? 20 DC  B P      1 
ATOM   619 O OP1    . DC  B 1 8  ? -0.150  12.111  -0.774  1.00 0.00 ? 20 DC  B OP1    1 
ATOM   620 O OP2    . DC  B 1 8  ? -2.372  11.102  -1.551  1.00 0.00 ? 20 DC  B OP2    1 
ATOM   621 O "O5'"  . DC  B 1 8  ? -0.182  10.111  -2.285  1.00 0.00 ? 20 DC  B "O5'"  1 
ATOM   622 C "C5'"  . DC  B 1 8  ? 1.223   9.888   -2.170  1.00 0.00 ? 20 DC  B "C5'"  1 
ATOM   623 C "C4'"  . DC  B 1 8  ? 1.772   8.891   -3.226  1.00 0.00 ? 20 DC  B "C4'"  1 
ATOM   624 O "O4'"  . DC  B 1 8  ? 1.225   7.587   -3.023  1.00 0.00 ? 20 DC  B "O4'"  1 
ATOM   625 C "C3'"  . DC  B 1 8  ? 1.556   9.279   -4.682  1.00 0.00 ? 20 DC  B "C3'"  1 
ATOM   626 O "O3'"  . DC  B 1 8  ? 2.743   9.861   -5.201  1.00 0.00 ? 20 DC  B "O3'"  1 
ATOM   627 C "C2'"  . DC  B 1 8  ? 1.129   7.969   -5.381  1.00 0.00 ? 20 DC  B "C2'"  1 
ATOM   628 C "C1'"  . DC  B 1 8  ? 1.251   6.906   -4.266  1.00 0.00 ? 20 DC  B "C1'"  1 
ATOM   629 N N1     . DC  B 1 8  ? 0.146   5.938   -4.279  1.00 0.00 ? 20 DC  B N1     1 
ATOM   630 C C2     . DC  B 1 8  ? 0.409   4.588   -4.545  1.00 0.00 ? 20 DC  B C2     1 
ATOM   631 O O2     . DC  B 1 8  ? 1.495   4.212   -4.976  1.00 0.00 ? 20 DC  B O2     1 
ATOM   632 N N3     . DC  B 1 8  ? -0.562  3.661   -4.442  1.00 0.00 ? 20 DC  B N3     1 
ATOM   633 C C4     . DC  B 1 8  ? -1.772  4.058   -4.075  1.00 0.00 ? 20 DC  B C4     1 
ATOM   634 N N4     . DC  B 1 8  ? -2.637  3.099   -3.929  1.00 0.00 ? 20 DC  B N4     1 
ATOM   635 C C5     . DC  B 1 8  ? -2.106  5.412   -3.785  1.00 0.00 ? 20 DC  B C5     1 
ATOM   636 C C6     . DC  B 1 8  ? -1.132  6.343   -3.928  1.00 0.00 ? 20 DC  B C6     1 
ATOM   637 H "H5'"  . DC  B 1 8  ? 1.449   9.467   -1.191  1.00 0.00 ? 20 DC  B "H5'"  1 
ATOM   638 H "H5''" . DC  B 1 8  ? 1.760   10.833  -2.264  1.00 0.00 ? 20 DC  B "H5''" 1 
ATOM   639 H "H4'"  . DC  B 1 8  ? 2.850   8.843   -3.067  1.00 0.00 ? 20 DC  B "H4'"  1 
ATOM   640 H "H3'"  . DC  B 1 8  ? 0.734   9.992   -4.745  1.00 0.00 ? 20 DC  B "H3'"  1 
ATOM   641 H "H2'"  . DC  B 1 8  ? 0.107   8.063   -5.751  1.00 0.00 ? 20 DC  B "H2'"  1 
ATOM   642 H "H2''" . DC  B 1 8  ? 1.808   7.711   -6.192  1.00 0.00 ? 20 DC  B "H2''" 1 
ATOM   643 H "H1'"  . DC  B 1 8  ? 2.214   6.414   -4.398  1.00 0.00 ? 20 DC  B "H1'"  1 
ATOM   644 H H41    . DC  B 1 8  ? -3.566  3.297   -3.583  1.00 0.00 ? 20 DC  B H41    1 
ATOM   645 H H42    . DC  B 1 8  ? -2.327  2.156   -4.115  1.00 0.00 ? 20 DC  B H42    1 
ATOM   646 H H5     . DC  B 1 8  ? -3.080  5.729   -3.441  1.00 0.00 ? 20 DC  B H5     1 
ATOM   647 H H6     . DC  B 1 8  ? -1.349  7.380   -3.718  1.00 0.00 ? 20 DC  B H6     1 
ATOM   648 P P      . DT  B 1 9  ? 2.859   10.446  -6.708  1.00 0.00 ? 21 DT  B P      1 
ATOM   649 O OP1    . DT  B 1 9  ? 4.048   11.322  -6.751  1.00 0.00 ? 21 DT  B OP1    1 
ATOM   650 O OP2    . DT  B 1 9  ? 1.538   10.984  -7.120  1.00 0.00 ? 21 DT  B OP2    1 
ATOM   651 O "O5'"  . DT  B 1 9  ? 3.159   9.170   -7.625  1.00 0.00 ? 21 DT  B "O5'"  1 
ATOM   652 C "C5'"  . DT  B 1 9  ? 4.335   8.398   -7.406  1.00 0.00 ? 21 DT  B "C5'"  1 
ATOM   653 C "C4'"  . DT  B 1 9  ? 4.326   7.073   -8.210  1.00 0.00 ? 21 DT  B "C4'"  1 
ATOM   654 O "O4'"  . DT  B 1 9  ? 3.366   6.161   -7.675  1.00 0.00 ? 21 DT  B "O4'"  1 
ATOM   655 C "C3'"  . DT  B 1 9  ? 4.066   7.254   -9.716  1.00 0.00 ? 21 DT  B "C3'"  1 
ATOM   656 O "O3'"  . DT  B 1 9  ? 5.199   6.811   -10.460 1.00 0.00 ? 21 DT  B "O3'"  1 
ATOM   657 C "C2'"  . DT  B 1 9  ? 2.828   6.387   -9.960  1.00 0.00 ? 21 DT  B "C2'"  1 
ATOM   658 C "C1'"  . DT  B 1 9  ? 2.772   5.453   -8.741  1.00 0.00 ? 21 DT  B "C1'"  1 
ATOM   659 N N1     . DT  B 1 9  ? 1.371   5.094   -8.392  1.00 0.00 ? 21 DT  B N1     1 
ATOM   660 C C2     . DT  B 1 9  ? 0.992   3.744   -8.336  1.00 0.00 ? 21 DT  B C2     1 
ATOM   661 O O2     . DT  B 1 9  ? 1.724   2.817   -8.653  1.00 0.00 ? 21 DT  B O2     1 
ATOM   662 N N3     . DT  B 1 9  ? -0.300  3.476   -7.952  1.00 0.00 ? 21 DT  B N3     1 
ATOM   663 C C4     . DT  B 1 9  ? -1.257  4.426   -7.658  1.00 0.00 ? 21 DT  B C4     1 
ATOM   664 O O4     . DT  B 1 9  ? -2.350  4.039   -7.289  1.00 0.00 ? 21 DT  B O4     1 
ATOM   665 C C5     . DT  B 1 9  ? -0.833  5.802   -7.852  1.00 0.00 ? 21 DT  B C5     1 
ATOM   666 C C7     . DT  B 1 9  ? -1.792  6.969   -7.702  1.00 0.00 ? 21 DT  B C7     1 
ATOM   667 C C6     . DT  B 1 9  ? 0.448   6.099   -8.200  1.00 0.00 ? 21 DT  B C6     1 
ATOM   668 H "H5'"  . DT  B 1 9  ? 4.412   8.141   -6.350  1.00 0.00 ? 21 DT  B "H5'"  1 
ATOM   669 H "H5''" . DT  B 1 9  ? 5.237   8.947   -7.675  1.00 0.00 ? 21 DT  B "H5''" 1 
ATOM   670 H "H4'"  . DT  B 1 9  ? 5.306   6.610   -8.100  1.00 0.00 ? 21 DT  B "H4'"  1 
ATOM   671 H "H3'"  . DT  B 1 9  ? 3.845   8.292   -9.962  1.00 0.00 ? 21 DT  B "H3'"  1 
ATOM   672 H "H2'"  . DT  B 1 9  ? 1.940   7.010   -10.070 1.00 0.00 ? 21 DT  B "H2'"  1 
ATOM   673 H "H2''" . DT  B 1 9  ? 2.900   5.770   -10.856 1.00 0.00 ? 21 DT  B "H2''" 1 
ATOM   674 H "H1'"  . DT  B 1 9  ? 3.353   4.560   -8.970  1.00 0.00 ? 21 DT  B "H1'"  1 
ATOM   675 H H3     . DT  B 1 9  ? -0.587  2.509   -7.995  1.00 0.00 ? 21 DT  B H3     1 
ATOM   676 H H71    . DT  B 1 9  ? -2.036  7.090   -6.646  1.00 0.00 ? 21 DT  B H71    1 
ATOM   677 H H72    . DT  B 1 9  ? -1.357  7.856   -8.162  1.00 0.00 ? 21 DT  B H72    1 
ATOM   678 H H73    . DT  B 1 9  ? -2.728  6.734   -8.210  1.00 0.00 ? 21 DT  B H73    1 
ATOM   679 H H6     . DT  B 1 9  ? 0.755   7.128   -8.317  1.00 0.00 ? 21 DT  B H6     1 
ATOM   680 P P      . DC  B 1 10 ? 5.377   7.078   -12.034 1.00 0.00 ? 22 DC  B P      1 
ATOM   681 O OP1    . DC  B 1 10 ? 6.789   6.756   -12.351 1.00 0.00 ? 22 DC  B OP1    1 
ATOM   682 O OP2    . DC  B 1 10 ? 4.866   8.427   -12.370 1.00 0.00 ? 22 DC  B OP2    1 
ATOM   683 O "O5'"  . DC  B 1 10 ? 4.446   5.963   -12.702 1.00 0.00 ? 22 DC  B "O5'"  1 
ATOM   684 C "C5'"  . DC  B 1 10 ? 4.792   4.573   -12.651 1.00 0.00 ? 22 DC  B "C5'"  1 
ATOM   685 C "C4'"  . DC  B 1 10 ? 3.738   3.635   -13.247 1.00 0.00 ? 22 DC  B "C4'"  1 
ATOM   686 O "O4'"  . DC  B 1 10 ? 2.594   3.548   -12.399 1.00 0.00 ? 22 DC  B "O4'"  1 
ATOM   687 C "C3'"  . DC  B 1 10 ? 3.257   4.089   -14.631 1.00 0.00 ? 22 DC  B "C3'"  1 
ATOM   688 O "O3'"  . DC  B 1 10 ? 3.547   2.996   -15.507 1.00 0.00 ? 22 DC  B "O3'"  1 
ATOM   689 C "C2'"  . DC  B 1 10 ? 1.743   4.365   -14.419 1.00 0.00 ? 22 DC  B "C2'"  1 
ATOM   690 C "C1'"  . DC  B 1 10 ? 1.435   3.521   -13.205 1.00 0.00 ? 22 DC  B "C1'"  1 
ATOM   691 N N1     . DC  B 1 10 ? 0.276   3.994   -12.393 1.00 0.00 ? 22 DC  B N1     1 
ATOM   692 C C2     . DC  B 1 10 ? -0.737  3.095   -12.024 1.00 0.00 ? 22 DC  B C2     1 
ATOM   693 O O2     . DC  B 1 10 ? -0.659  1.902   -12.306 1.00 0.00 ? 22 DC  B O2     1 
ATOM   694 N N3     . DC  B 1 10 ? -1.840  3.503   -11.362 1.00 0.00 ? 22 DC  B N3     1 
ATOM   695 C C4     . DC  B 1 10 ? -1.907  4.791   -11.022 1.00 0.00 ? 22 DC  B C4     1 
ATOM   696 N N4     . DC  B 1 10 ? -2.991  5.187   -10.412 1.00 0.00 ? 22 DC  B N4     1 
ATOM   697 C C5     . DC  B 1 10 ? -0.872  5.725   -11.292 1.00 0.00 ? 22 DC  B C5     1 
ATOM   698 C C6     . DC  B 1 10 ? 0.205   5.291   -11.969 1.00 0.00 ? 22 DC  B C6     1 
ATOM   699 H "H5'"  . DC  B 1 10 ? 4.988   4.282   -11.619 1.00 0.00 ? 22 DC  B "H5'"  1 
ATOM   700 H "H5''" . DC  B 1 10 ? 5.722   4.411   -13.199 1.00 0.00 ? 22 DC  B "H5''" 1 
ATOM   701 H "H4'"  . DC  B 1 10 ? 4.195   2.648   -13.326 1.00 0.00 ? 22 DC  B "H4'"  1 
ATOM   702 H "H3'"  . DC  B 1 10 ? 3.762   5.001   -14.948 1.00 0.00 ? 22 DC  B "H3'"  1 
ATOM   703 H "H2'"  . DC  B 1 10 ? 1.570   5.415   -14.182 1.00 0.00 ? 22 DC  B "H2'"  1 
ATOM   704 H "H2''" . DC  B 1 10 ? 1.144   4.060   -15.278 1.00 0.00 ? 22 DC  B "H2''" 1 
ATOM   705 H "H1'"  . DC  B 1 10 ? 1.240   2.506   -13.548 1.00 0.00 ? 22 DC  B "H1'"  1 
ATOM   706 H H41    . DC  B 1 10 ? -3.106  6.161   -10.171 1.00 0.00 ? 22 DC  B H41    1 
ATOM   707 H H42    . DC  B 1 10 ? -3.692  4.493   -10.194 1.00 0.00 ? 22 DC  B H42    1 
ATOM   708 H H5     . DC  B 1 10 ? -0.907  6.761   -10.988 1.00 0.00 ? 22 DC  B H5     1 
ATOM   709 H H6     . DC  B 1 10 ? 1.026   5.965   -12.160 1.00 0.00 ? 22 DC  B H6     1 
ATOM   710 P P      . DT  B 1 11 ? 3.348   3.098   -17.088 1.00 0.00 ? 23 DT  B P      1 
ATOM   711 O OP1    . DT  B 1 11 ? 4.208   2.062   -17.690 1.00 0.00 ? 23 DT  B OP1    1 
ATOM   712 O OP2    . DT  B 1 11 ? 3.493   4.500   -17.518 1.00 0.00 ? 23 DT  B OP2    1 
ATOM   713 O "O5'"  . DT  B 1 11 ? 1.810   2.647   -17.260 1.00 0.00 ? 23 DT  B "O5'"  1 
ATOM   714 C "C5'"  . DT  B 1 11 ? 1.364   1.334   -16.869 1.00 0.00 ? 23 DT  B "C5'"  1 
ATOM   715 C "C4'"  . DT  B 1 11 ? -0.161  1.290   -16.678 1.00 0.00 ? 23 DT  B "C4'"  1 
ATOM   716 O "O4'"  . DT  B 1 11 ? -0.601  1.946   -15.497 1.00 0.00 ? 23 DT  B "O4'"  1 
ATOM   717 C "C3'"  . DT  B 1 11 ? -0.958  1.951   -17.823 1.00 0.00 ? 23 DT  B "C3'"  1 
ATOM   718 O "O3'"  . DT  B 1 11 ? -1.124  1.087   -18.933 1.00 0.00 ? 23 DT  B "O3'"  1 
ATOM   719 C "C2'"  . DT  B 1 11 ? -2.265  2.353   -17.129 1.00 0.00 ? 23 DT  B "C2'"  1 
ATOM   720 C "C1'"  . DT  B 1 11 ? -1.985  2.158   -15.635 1.00 0.00 ? 23 DT  B "C1'"  1 
ATOM   721 N N1     . DT  B 1 11 ? -2.457  3.366   -14.906 1.00 0.00 ? 23 DT  B N1     1 
ATOM   722 C C2     . DT  B 1 11 ? -3.673  3.254   -14.224 1.00 0.00 ? 23 DT  B C2     1 
ATOM   723 O O2     . DT  B 1 11 ? -4.306  2.203   -14.129 1.00 0.00 ? 23 DT  B O2     1 
ATOM   724 N N3     . DT  B 1 11 ? -4.150  4.387   -13.624 1.00 0.00 ? 23 DT  B N3     1 
ATOM   725 C C4     . DT  B 1 11 ? -3.601  5.641   -13.688 1.00 0.00 ? 23 DT  B C4     1 
ATOM   726 O O4     . DT  B 1 11 ? -4.198  6.562   -13.150 1.00 0.00 ? 23 DT  B O4     1 
ATOM   727 C C5     . DT  B 1 11 ? -2.340  5.711   -14.455 1.00 0.00 ? 23 DT  B C5     1 
ATOM   728 C C7     . DT  B 1 11 ? -1.609  7.037   -14.588 1.00 0.00 ? 23 DT  B C7     1 
ATOM   729 C C6     . DT  B 1 11 ? -1.805  4.579   -15.011 1.00 0.00 ? 23 DT  B C6     1 
ATOM   730 H "H5'"  . DT  B 1 11 ? 1.819   1.035   -15.925 1.00 0.00 ? 23 DT  B "H5'"  1 
ATOM   731 H "H5''" . DT  B 1 11 ? 1.661   0.612   -17.628 1.00 0.00 ? 23 DT  B "H5''" 1 
ATOM   732 H "H4'"  . DT  B 1 11 ? -0.460  0.245   -16.611 1.00 0.00 ? 23 DT  B "H4'"  1 
ATOM   733 H "H3'"  . DT  B 1 11 ? -0.442  2.872   -18.093 1.00 0.00 ? 23 DT  B "H3'"  1 
ATOM   734 H "H2'"  . DT  B 1 11 ? -2.493  3.384   -17.402 1.00 0.00 ? 23 DT  B "H2'"  1 
ATOM   735 H "H2''" . DT  B 1 11 ? -3.085  1.707   -17.445 1.00 0.00 ? 23 DT  B "H2''" 1 
ATOM   736 H "H1'"  . DT  B 1 11 ? -2.534  1.279   -15.297 1.00 0.00 ? 23 DT  B "H1'"  1 
ATOM   737 H H3     . DT  B 1 11 ? -5.038  4.298   -13.151 1.00 0.00 ? 23 DT  B H3     1 
ATOM   738 H H71    . DT  B 1 11 ? -1.344  7.417   -13.601 1.00 0.00 ? 23 DT  B H71    1 
ATOM   739 H H72    . DT  B 1 11 ? -0.682  6.919   -15.150 1.00 0.00 ? 23 DT  B H72    1 
ATOM   740 H H73    . DT  B 1 11 ? -2.261  7.756   -15.083 1.00 0.00 ? 23 DT  B H73    1 
ATOM   741 H H6     . DT  B 1 11 ? -0.884  4.601   -15.574 1.00 0.00 ? 23 DT  B H6     1 
ATOM   742 P P      . DC  B 1 12 ? -1.739  1.516   -20.355 1.00 0.00 ? 24 DC  B P      1 
ATOM   743 O OP1    . DC  B 1 12 ? -1.251  0.570   -21.388 1.00 0.00 ? 24 DC  B OP1    1 
ATOM   744 O OP2    . DC  B 1 12 ? -1.476  2.969   -20.549 1.00 0.00 ? 24 DC  B OP2    1 
ATOM   745 O "O5'"  . DC  B 1 12 ? -3.320  1.299   -20.131 1.00 0.00 ? 24 DC  B "O5'"  1 
ATOM   746 C "C5'"  . DC  B 1 12 ? -3.858  0.004   -19.922 1.00 0.00 ? 24 DC  B "C5'"  1 
ATOM   747 C "C4'"  . DC  B 1 12 ? -5.205  0.026   -19.190 1.00 0.00 ? 24 DC  B "C4'"  1 
ATOM   748 O "O4'"  . DC  B 1 12 ? -5.086  0.613   -17.910 1.00 0.00 ? 24 DC  B "O4'"  1 
ATOM   749 C "C3'"  . DC  B 1 12 ? -6.321  0.811   -19.857 1.00 0.00 ? 24 DC  B "C3'"  1 
ATOM   750 O "O3'"  . DC  B 1 12 ? -7.014  0.104   -20.873 1.00 0.00 ? 24 DC  B "O3'"  1 
ATOM   751 C "C2'"  . DC  B 1 12 ? -7.264  1.048   -18.681 1.00 0.00 ? 24 DC  B "C2'"  1 
ATOM   752 C "C1'"  . DC  B 1 12 ? -6.299  1.195   -17.514 1.00 0.00 ? 24 DC  B "C1'"  1 
ATOM   753 N N1     . DC  B 1 12 ? -6.137  2.625   -17.139 1.00 0.00 ? 24 DC  B N1     1 
ATOM   754 C C2     . DC  B 1 12 ? -6.947  3.121   -16.114 1.00 0.00 ? 24 DC  B C2     1 
ATOM   755 O O2     . DC  B 1 12 ? -7.749  2.404   -15.514 1.00 0.00 ? 24 DC  B O2     1 
ATOM   756 N N3     . DC  B 1 12 ? -6.883  4.423   -15.723 1.00 0.00 ? 24 DC  B N3     1 
ATOM   757 C C4     . DC  B 1 12 ? -6.054  5.219   -16.360 1.00 0.00 ? 24 DC  B C4     1 
ATOM   758 N N4     . DC  B 1 12 ? -6.067  6.461   -15.973 1.00 0.00 ? 24 DC  B N4     1 
ATOM   759 C C5     . DC  B 1 12 ? -5.243  4.796   -17.456 1.00 0.00 ? 24 DC  B C5     1 
ATOM   760 C C6     . DC  B 1 12 ? -5.323  3.494   -17.824 1.00 0.00 ? 24 DC  B C6     1 
ATOM   761 H "H5'"  . DC  B 1 12 ? -3.160  -0.596  -19.338 1.00 0.00 ? 24 DC  B "H5'"  1 
ATOM   762 H "H5''" . DC  B 1 12 ? -3.976  -0.487  -20.888 1.00 0.00 ? 24 DC  B "H5''" 1 
ATOM   763 H "H4'"  . DC  B 1 12 ? -5.542  -1.002  -19.062 1.00 0.00 ? 24 DC  B "H4'"  1 
ATOM   764 H "H3'"  . DC  B 1 12 ? -5.933  1.759   -20.230 1.00 0.00 ? 24 DC  B "H3'"  1 
ATOM   765 H "HO3'" . DC  B 1 12 ? -6.437  0.028   -21.636 1.00 0.00 ? 24 DC  B "HO3'" 1 
ATOM   766 H "H2'"  . DC  B 1 12 ? -7.888  1.924   -18.863 1.00 0.00 ? 24 DC  B "H2'"  1 
ATOM   767 H "H2''" . DC  B 1 12 ? -7.874  0.162   -18.505 1.00 0.00 ? 24 DC  B "H2''" 1 
ATOM   768 H "H1'"  . DC  B 1 12 ? -6.674  0.637   -16.655 1.00 0.00 ? 24 DC  B "H1'"  1 
ATOM   769 H H41    . DC  B 1 12 ? -5.464  7.130   -16.430 1.00 0.00 ? 24 DC  B H41    1 
ATOM   770 H H42    . DC  B 1 12 ? -6.635  6.707   -15.174 1.00 0.00 ? 24 DC  B H42    1 
ATOM   771 H H5     . DC  B 1 12 ? -4.593  5.455   -18.015 1.00 0.00 ? 24 DC  B H5     1 
ATOM   772 H H6     . DC  B 1 12 ? -4.732  3.119   -18.647 1.00 0.00 ? 24 DC  B H6     1 
# 
